data_4RZI
#
_entry.id   4RZI
#
_cell.length_a   122.806
_cell.length_b   122.806
_cell.length_c   199.941
_cell.angle_alpha   90.00
_cell.angle_beta   90.00
_cell.angle_gamma   120.00
#
_symmetry.space_group_name_H-M   'P 62 2 2'
#
_entity_poly.entity_id   1
_entity_poly.type   'polypeptide(L)'
_entity_poly.pdbx_seq_one_letter_code
;MLSLGLEDKVIVVTGGNRGIGAAIVKLLQEMGAKVAFTDLATDGGNTEALGVVANVTDLESMTAAAAEITDKLGPVYGVV
ANAGITKDNFFPKLTPADWDAVLNVNLKGVAYSIKPFIEGMYERKAGSIVAISSISGERGNVGQTNYSATKAGVIGMMKS
LAREGARYGVRANAVAPGFIDTEMTLAIREDIREKITKEIPFRRFGKPEEIAWAVAFLLSPVASSYVTGEVLRVNGAHHT
;
_entity_poly.pdbx_strand_id   B,A,C
#
# COMPACT_ATOMS: atom_id res chain seq x y z
N LEU A 2 42.47 -21.83 -12.27
CA LEU A 2 41.99 -20.93 -13.35
C LEU A 2 41.39 -19.58 -12.87
N SER A 3 40.21 -19.61 -12.24
CA SER A 3 39.45 -18.39 -11.91
C SER A 3 38.79 -18.41 -10.53
N LEU A 4 38.77 -17.26 -9.85
CA LEU A 4 38.06 -17.06 -8.57
C LEU A 4 36.60 -16.72 -8.85
N GLY A 5 35.68 -17.41 -8.20
CA GLY A 5 34.29 -17.27 -8.61
C GLY A 5 33.63 -15.92 -8.38
N LEU A 6 34.32 -14.86 -8.76
CA LEU A 6 33.91 -13.50 -8.43
C LEU A 6 33.37 -12.67 -9.60
N GLU A 7 33.31 -13.23 -10.81
CA GLU A 7 32.74 -12.51 -11.94
C GLU A 7 31.24 -12.28 -11.73
N ASP A 8 30.81 -11.04 -11.95
CA ASP A 8 29.40 -10.66 -11.86
C ASP A 8 28.85 -10.73 -10.43
N LYS A 9 29.75 -10.94 -9.48
CA LYS A 9 29.37 -10.92 -8.08
C LYS A 9 29.30 -9.48 -7.61
N VAL A 10 28.23 -9.18 -6.88
CA VAL A 10 28.00 -7.87 -6.29
C VAL A 10 28.68 -7.76 -4.95
N ILE A 11 29.58 -6.78 -4.84
CA ILE A 11 30.35 -6.60 -3.61
C ILE A 11 30.33 -5.14 -3.10
N VAL A 12 30.06 -4.97 -1.81
CA VAL A 12 30.08 -3.63 -1.20
C VAL A 12 31.30 -3.46 -0.33
N VAL A 13 32.01 -2.36 -0.56
CA VAL A 13 33.20 -1.99 0.21
C VAL A 13 32.93 -0.66 0.95
N THR A 14 32.85 -0.69 2.28
CA THR A 14 32.72 0.55 3.06
C THR A 14 34.08 1.28 3.14
N GLY A 15 34.08 2.62 3.00
CA GLY A 15 35.30 3.40 3.05
C GLY A 15 36.12 3.21 1.78
N GLY A 16 35.43 3.04 0.64
CA GLY A 16 36.13 2.64 -0.57
C GLY A 16 36.50 3.73 -1.54
N ASN A 17 36.48 4.99 -1.10
CA ASN A 17 36.82 6.06 -2.00
C ASN A 17 38.33 6.27 -2.15
N ARG A 18 39.06 6.20 -1.04
CA ARG A 18 40.50 6.36 -1.08
C ARG A 18 41.17 5.20 -0.38
N GLY A 19 42.48 5.27 -0.28
CA GLY A 19 43.26 4.35 0.54
C GLY A 19 43.12 2.87 0.21
N ILE A 20 43.04 2.09 1.27
CA ILE A 20 42.95 0.64 1.12
C ILE A 20 41.64 0.24 0.47
N GLY A 21 40.55 0.91 0.86
CA GLY A 21 39.25 0.63 0.28
C GLY A 21 39.20 0.81 -1.22
N ALA A 22 39.87 1.84 -1.72
CA ALA A 22 39.89 2.10 -3.15
C ALA A 22 40.62 0.96 -3.87
N ALA A 23 41.70 0.51 -3.22
CA ALA A 23 42.52 -0.59 -3.73
C ALA A 23 41.75 -1.88 -3.79
N ILE A 24 40.90 -2.14 -2.78
CA ILE A 24 40.07 -3.34 -2.78
C ILE A 24 39.04 -3.22 -3.90
N VAL A 25 38.40 -2.05 -4.01
CA VAL A 25 37.43 -1.79 -5.07
C VAL A 25 38.08 -2.04 -6.44
N LYS A 26 39.24 -1.42 -6.65
CA LYS A 26 39.94 -1.52 -7.94
C LYS A 26 40.24 -2.95 -8.34
N LEU A 27 40.74 -3.76 -7.39
CA LEU A 27 41.12 -5.13 -7.73
C LEU A 27 39.91 -6.03 -7.96
N LEU A 28 38.86 -5.82 -7.20
CA LEU A 28 37.67 -6.64 -7.36
C LEU A 28 37.08 -6.39 -8.72
N GLN A 29 37.18 -5.14 -9.17
CA GLN A 29 36.71 -4.75 -10.49
C GLN A 29 37.45 -5.53 -11.57
N GLU A 30 38.79 -5.58 -11.48
CA GLU A 30 39.57 -6.30 -12.46
C GLU A 30 39.55 -7.83 -12.24
N MET A 31 38.63 -8.29 -11.40
CA MET A 31 38.32 -9.71 -11.26
C MET A 31 36.89 -9.97 -11.78
N GLY A 32 36.27 -8.90 -12.28
CA GLY A 32 34.98 -9.01 -12.93
C GLY A 32 33.81 -8.86 -11.99
N ALA A 33 34.07 -8.31 -10.81
CA ALA A 33 32.99 -8.12 -9.85
C ALA A 33 32.26 -6.82 -10.11
N LYS A 34 30.96 -6.81 -9.80
CA LYS A 34 30.17 -5.58 -9.77
C LYS A 34 30.32 -4.98 -8.37
N VAL A 35 31.27 -4.06 -8.25
CA VAL A 35 31.65 -3.46 -6.96
C VAL A 35 30.91 -2.16 -6.73
N ALA A 36 30.49 -1.95 -5.50
CA ALA A 36 29.95 -0.70 -5.05
C ALA A 36 30.75 -0.31 -3.82
N PHE A 37 30.77 0.96 -3.50
CA PHE A 37 31.39 1.42 -2.27
C PHE A 37 30.54 2.49 -1.58
N THR A 38 30.62 2.54 -0.24
CA THR A 38 30.05 3.62 0.55
C THR A 38 31.19 4.42 1.19
N ASP A 39 30.95 5.71 1.39
CA ASP A 39 31.91 6.63 2.02
C ASP A 39 31.24 7.99 2.27
N LEU A 40 32.04 8.96 2.69
CA LEU A 40 31.49 10.29 2.95
C LEU A 40 31.59 11.13 1.68
N ALA A 41 32.52 10.75 0.81
CA ALA A 41 32.73 11.37 -0.49
C ALA A 41 32.82 10.28 -1.56
N THR A 42 32.34 10.55 -2.77
CA THR A 42 32.46 9.54 -3.83
C THR A 42 33.02 10.16 -5.11
N ASP A 43 34.31 10.45 -5.17
CA ASP A 43 34.84 11.21 -6.33
C ASP A 43 34.94 10.52 -7.74
N GLY A 44 35.66 9.41 -7.89
CA GLY A 44 36.44 8.78 -6.84
C GLY A 44 37.89 9.28 -6.72
N GLY A 45 38.71 9.18 -7.78
CA GLY A 45 38.26 8.94 -9.14
C GLY A 45 38.11 7.54 -9.73
N ASN A 46 37.27 6.72 -9.11
CA ASN A 46 36.85 5.48 -9.74
C ASN A 46 35.48 5.65 -10.36
N THR A 47 35.46 5.59 -11.68
CA THR A 47 34.28 5.87 -12.47
C THR A 47 33.29 4.74 -12.44
N GLU A 48 33.77 3.53 -12.71
CA GLU A 48 32.85 2.43 -12.95
C GLU A 48 32.40 1.76 -11.66
N ALA A 49 32.52 2.42 -10.52
CA ALA A 49 32.39 1.70 -9.27
C ALA A 49 31.10 1.89 -8.47
N LEU A 50 30.20 2.76 -8.88
CA LEU A 50 29.00 3.01 -8.02
C LEU A 50 29.33 3.45 -6.58
N GLY A 51 29.68 4.73 -6.44
CA GLY A 51 29.89 5.33 -5.13
C GLY A 51 28.59 5.77 -4.52
N VAL A 52 28.39 5.42 -3.26
CA VAL A 52 27.20 5.85 -2.55
C VAL A 52 27.54 6.62 -1.29
N VAL A 53 27.08 7.87 -1.18
CA VAL A 53 27.38 8.60 0.02
C VAL A 53 26.57 8.02 1.17
N ALA A 54 27.30 7.51 2.17
CA ALA A 54 26.70 6.89 3.33
C ALA A 54 27.61 7.03 4.55
N ASN A 55 27.04 6.84 5.73
CA ASN A 55 27.81 6.93 6.97
C ASN A 55 27.66 5.66 7.79
N VAL A 56 28.76 4.95 8.06
CA VAL A 56 28.64 3.70 8.77
C VAL A 56 28.08 3.88 10.20
N THR A 57 28.16 5.07 10.75
CA THR A 57 27.68 5.25 12.12
C THR A 57 26.17 5.40 12.17
N ASP A 58 25.56 5.66 11.01
CA ASP A 58 24.11 5.81 10.87
C ASP A 58 23.53 4.59 10.16
N LEU A 59 22.65 3.88 10.87
CA LEU A 59 22.08 2.65 10.32
C LEU A 59 21.06 2.93 9.21
N GLU A 60 20.33 4.05 9.30
CA GLU A 60 19.39 4.41 8.22
C GLU A 60 20.13 4.69 6.93
N SER A 61 21.28 5.34 7.09
CA SER A 61 22.16 5.71 6.00
C SER A 61 22.72 4.49 5.26
N MET A 62 23.06 3.46 6.03
CA MET A 62 23.59 2.24 5.46
C MET A 62 22.49 1.38 4.85
N THR A 63 21.33 1.33 5.51
CA THR A 63 20.21 0.56 4.94
C THR A 63 19.73 1.19 3.64
N ALA A 64 19.82 2.52 3.55
CA ALA A 64 19.48 3.20 2.31
C ALA A 64 20.48 2.85 1.21
N ALA A 65 21.75 2.85 1.56
CA ALA A 65 22.77 2.53 0.57
C ALA A 65 22.58 1.12 0.05
N ALA A 66 22.18 0.22 0.95
CA ALA A 66 21.98 -1.18 0.60
C ALA A 66 20.87 -1.26 -0.44
N ALA A 67 19.77 -0.57 -0.14
CA ALA A 67 18.64 -0.52 -1.07
C ALA A 67 19.05 0.00 -2.44
N GLU A 68 19.84 1.06 -2.45
CA GLU A 68 20.27 1.66 -3.71
C GLU A 68 21.13 0.66 -4.49
N ILE A 69 22.03 0.00 -3.79
CA ILE A 69 22.99 -0.93 -4.39
C ILE A 69 22.30 -2.19 -4.90
N THR A 70 21.38 -2.71 -4.10
CA THR A 70 20.62 -3.88 -4.51
C THR A 70 19.85 -3.59 -5.78
N ASP A 71 19.27 -2.39 -5.82
CA ASP A 71 18.43 -1.97 -6.93
C ASP A 71 19.18 -1.76 -8.25
N LYS A 72 20.44 -1.34 -8.18
CA LYS A 72 21.20 -0.95 -9.37
C LYS A 72 22.05 -2.08 -9.90
N LEU A 73 22.51 -2.92 -8.96
CA LEU A 73 23.48 -3.97 -9.24
C LEU A 73 23.00 -5.39 -9.00
N GLY A 74 21.97 -5.53 -8.18
CA GLY A 74 21.45 -6.85 -7.82
C GLY A 74 21.78 -7.27 -6.39
N PRO A 75 21.29 -8.45 -5.98
CA PRO A 75 21.52 -9.06 -4.66
C PRO A 75 23.00 -9.22 -4.31
N VAL A 76 23.34 -8.90 -3.07
CA VAL A 76 24.74 -8.75 -2.69
C VAL A 76 25.36 -10.07 -2.24
N TYR A 77 26.55 -10.36 -2.74
CA TYR A 77 27.26 -11.54 -2.33
C TYR A 77 28.31 -11.18 -1.25
N GLY A 78 29.10 -10.14 -1.55
CA GLY A 78 30.21 -9.76 -0.69
C GLY A 78 30.10 -8.42 0.05
N VAL A 79 30.63 -8.40 1.29
CA VAL A 79 30.73 -7.15 2.06
C VAL A 79 32.12 -6.99 2.67
N VAL A 80 32.75 -5.85 2.41
CA VAL A 80 34.03 -5.59 3.04
C VAL A 80 33.88 -4.43 4.00
N ALA A 81 33.87 -4.73 5.29
CA ALA A 81 33.74 -3.67 6.30
C ALA A 81 35.12 -3.11 6.58
N ASN A 82 35.45 -2.01 5.89
CA ASN A 82 36.79 -1.45 5.87
C ASN A 82 36.91 -0.05 6.45
N ALA A 83 35.82 0.70 6.42
CA ALA A 83 35.81 2.05 6.96
C ALA A 83 36.19 2.00 8.42
N GLY A 84 37.17 2.83 8.78
CA GLY A 84 37.63 2.96 10.15
C GLY A 84 38.36 4.27 10.35
N ILE A 85 38.40 4.76 11.59
CA ILE A 85 39.17 5.96 11.88
C ILE A 85 40.07 5.80 13.10
N THR A 86 40.95 6.78 13.29
CA THR A 86 41.72 6.87 14.53
C THR A 86 41.45 8.18 15.29
N LYS A 87 41.54 8.08 16.61
CA LYS A 87 41.65 9.25 17.47
C LYS A 87 42.77 8.94 18.43
N ASP A 88 44.01 9.01 17.94
CA ASP A 88 45.17 8.53 18.71
C ASP A 88 45.55 9.44 19.86
N ASN A 89 45.72 8.84 21.03
CA ASN A 89 46.30 9.54 22.16
C ASN A 89 46.63 8.58 23.29
N PHE A 90 47.49 8.99 24.22
CA PHE A 90 47.75 8.14 25.39
C PHE A 90 46.49 8.01 26.23
N PHE A 91 46.34 6.86 26.88
CA PHE A 91 45.11 6.54 27.58
C PHE A 91 44.50 7.65 28.44
N PRO A 92 45.30 8.32 29.30
CA PRO A 92 44.67 9.39 30.09
C PRO A 92 44.33 10.70 29.37
N LYS A 93 44.76 10.87 28.12
CA LYS A 93 44.46 12.07 27.34
C LYS A 93 43.25 11.88 26.43
N LEU A 94 42.74 10.65 26.38
CA LEU A 94 41.60 10.30 25.54
C LEU A 94 40.28 10.66 26.22
N THR A 95 39.51 11.47 25.52
CA THR A 95 38.22 11.95 26.00
C THR A 95 37.14 10.96 25.62
N PRO A 96 35.99 11.03 26.32
CA PRO A 96 34.84 10.20 25.94
C PRO A 96 34.48 10.36 24.46
N ALA A 97 34.71 11.54 23.90
CA ALA A 97 34.45 11.77 22.51
C ALA A 97 35.40 10.95 21.66
N ASP A 98 36.62 10.75 22.17
CA ASP A 98 37.62 9.98 21.44
C ASP A 98 37.27 8.51 21.47
N TRP A 99 36.56 8.09 22.50
CA TRP A 99 36.13 6.72 22.57
C TRP A 99 34.86 6.56 21.76
N ASP A 100 33.96 7.53 21.85
CA ASP A 100 32.70 7.38 21.15
C ASP A 100 32.95 7.31 19.64
N ALA A 101 33.87 8.15 19.16
CA ALA A 101 34.16 8.24 17.73
C ALA A 101 34.67 6.91 17.13
N VAL A 102 35.73 6.33 17.72
CA VAL A 102 36.26 5.11 17.13
C VAL A 102 35.31 3.92 17.38
N LEU A 103 34.64 3.88 18.52
CA LEU A 103 33.73 2.80 18.78
C LEU A 103 32.57 2.82 17.79
N ASN A 104 32.13 4.00 17.37
CA ASN A 104 31.03 4.09 16.43
C ASN A 104 31.41 3.69 15.02
N VAL A 105 32.50 4.21 14.51
CA VAL A 105 32.88 3.89 13.15
C VAL A 105 33.44 2.46 13.10
N ASN A 106 34.38 2.16 13.98
CA ASN A 106 35.13 0.92 13.91
C ASN A 106 34.45 -0.33 14.47
N LEU A 107 33.57 -0.21 15.47
CA LEU A 107 32.88 -1.39 15.98
C LEU A 107 31.44 -1.39 15.52
N LYS A 108 30.65 -0.45 16.04
CA LYS A 108 29.24 -0.32 15.68
C LYS A 108 29.07 -0.18 14.15
N GLY A 109 29.91 0.64 13.56
CA GLY A 109 29.78 0.92 12.15
C GLY A 109 29.99 -0.31 11.32
N VAL A 110 30.77 -1.25 11.84
CA VAL A 110 30.99 -2.50 11.12
C VAL A 110 29.74 -3.31 11.11
N ALA A 111 29.10 -3.47 12.27
CA ALA A 111 27.87 -4.23 12.33
C ALA A 111 26.80 -3.53 11.50
N TYR A 112 26.77 -2.20 11.52
CA TYR A 112 25.77 -1.50 10.73
C TYR A 112 26.06 -1.62 9.26
N SER A 113 27.27 -1.99 8.88
CA SER A 113 27.59 -2.18 7.47
C SER A 113 27.14 -3.55 6.96
N ILE A 114 26.98 -4.51 7.88
CA ILE A 114 26.63 -5.90 7.55
C ILE A 114 25.13 -6.18 7.71
N LYS A 115 24.53 -5.52 8.70
CA LYS A 115 23.13 -5.71 9.04
C LYS A 115 22.13 -5.54 7.88
N PRO A 116 22.33 -4.55 6.97
CA PRO A 116 21.41 -4.44 5.84
C PRO A 116 21.61 -5.46 4.70
N PHE A 117 22.69 -6.24 4.68
CA PHE A 117 22.87 -7.24 3.62
C PHE A 117 22.67 -8.69 4.09
N ILE A 118 22.68 -8.89 5.40
CA ILE A 118 22.78 -10.23 5.98
C ILE A 118 21.54 -11.13 5.77
N GLU A 119 20.35 -10.58 5.96
CA GLU A 119 19.16 -11.40 5.86
C GLU A 119 19.01 -11.96 4.45
N GLY A 120 19.42 -11.20 3.44
CA GLY A 120 19.33 -11.63 2.06
C GLY A 120 20.35 -12.70 1.73
N MET A 121 21.55 -12.54 2.28
CA MET A 121 22.61 -13.52 2.10
C MET A 121 22.15 -14.86 2.66
N TYR A 122 21.45 -14.81 3.78
CA TYR A 122 20.94 -16.00 4.40
C TYR A 122 19.91 -16.67 3.49
N GLU A 123 19.08 -15.86 2.83
CA GLU A 123 18.04 -16.40 1.95
C GLU A 123 18.66 -17.11 0.76
N ARG A 124 19.69 -16.49 0.18
CA ARG A 124 20.35 -17.03 -1.00
C ARG A 124 21.36 -18.11 -0.66
N LYS A 125 21.54 -18.37 0.64
CA LYS A 125 22.53 -19.33 1.13
C LYS A 125 23.94 -19.12 0.55
N ALA A 126 24.32 -17.85 0.38
CA ALA A 126 25.60 -17.51 -0.21
C ALA A 126 26.09 -16.15 0.28
N GLY A 127 27.40 -16.02 0.47
CA GLY A 127 27.96 -14.75 0.95
C GLY A 127 29.30 -14.87 1.66
N SER A 128 30.12 -13.84 1.47
CA SER A 128 31.40 -13.80 2.14
C SER A 128 31.61 -12.41 2.75
N ILE A 129 31.72 -12.35 4.07
CA ILE A 129 31.94 -11.11 4.79
C ILE A 129 33.39 -10.95 5.26
N VAL A 130 33.99 -9.76 5.05
CA VAL A 130 35.37 -9.50 5.55
C VAL A 130 35.54 -8.16 6.26
N ALA A 131 35.90 -8.20 7.54
CA ALA A 131 36.23 -6.97 8.24
C ALA A 131 37.74 -6.71 8.20
N ILE A 132 38.13 -5.46 8.35
CA ILE A 132 39.53 -5.17 8.31
C ILE A 132 40.07 -4.95 9.70
N SER A 133 41.22 -5.59 9.97
CA SER A 133 42.28 -5.07 10.86
C SER A 133 42.28 -5.62 12.27
N SER A 134 43.36 -5.35 13.04
CA SER A 134 44.62 -4.67 12.65
C SER A 134 45.76 -5.34 13.37
N ILE A 135 46.99 -4.97 13.03
CA ILE A 135 48.10 -5.42 13.83
C ILE A 135 47.99 -4.84 15.26
N SER A 136 47.46 -3.61 15.37
CA SER A 136 47.24 -3.00 16.67
C SER A 136 46.14 -3.69 17.45
N GLY A 137 45.20 -4.30 16.73
CA GLY A 137 44.09 -4.97 17.37
C GLY A 137 44.60 -6.21 18.05
N GLU A 138 45.58 -6.88 17.45
CA GLU A 138 46.07 -8.13 18.01
C GLU A 138 47.26 -8.00 18.98
N ARG A 139 48.16 -7.10 18.65
CA ARG A 139 49.42 -6.90 19.38
C ARG A 139 49.22 -5.86 20.47
N GLY A 140 48.42 -4.84 20.17
CA GLY A 140 48.30 -3.66 21.00
C GLY A 140 49.22 -2.59 20.43
N ASN A 141 48.86 -1.34 20.65
CA ASN A 141 49.76 -0.26 20.26
C ASN A 141 49.65 0.95 21.19
N VAL A 142 50.81 1.52 21.48
CA VAL A 142 50.92 2.72 22.27
C VAL A 142 50.21 3.89 21.59
N GLY A 143 49.32 4.55 22.33
CA GLY A 143 48.60 5.70 21.80
C GLY A 143 47.33 5.27 21.07
N GLN A 144 47.10 3.96 21.02
CA GLN A 144 45.97 3.45 20.28
C GLN A 144 45.16 2.51 21.14
N THR A 145 45.05 2.88 22.41
CA THR A 145 44.34 2.04 23.33
C THR A 145 42.87 1.88 22.87
N ASN A 146 42.33 2.91 22.22
CA ASN A 146 40.94 2.85 21.75
C ASN A 146 40.79 2.26 20.34
N TYR A 147 41.73 2.54 19.44
CA TYR A 147 41.71 1.96 18.11
C TYR A 147 41.85 0.45 18.22
N SER A 148 42.81 0.06 19.06
CA SER A 148 43.08 -1.35 19.30
C SER A 148 41.88 -2.13 19.87
N ALA A 149 41.19 -1.54 20.84
CA ALA A 149 40.02 -2.20 21.40
C ALA A 149 39.05 -2.50 20.28
N THR A 150 38.90 -1.59 19.32
CA THR A 150 37.93 -1.83 18.26
C THR A 150 38.41 -2.84 17.19
N LYS A 151 39.71 -2.86 16.90
CA LYS A 151 40.21 -3.76 15.86
C LYS A 151 40.35 -5.18 16.40
N ALA A 152 40.40 -5.28 17.72
CA ALA A 152 40.36 -6.57 18.38
C ALA A 152 38.90 -6.96 18.48
N GLY A 153 38.03 -5.96 18.59
CA GLY A 153 36.61 -6.20 18.68
C GLY A 153 36.05 -6.77 17.39
N VAL A 154 36.50 -6.27 16.23
CA VAL A 154 35.98 -6.81 14.99
C VAL A 154 36.38 -8.28 14.83
N ILE A 155 37.54 -8.67 15.34
CA ILE A 155 37.90 -10.07 15.20
C ILE A 155 36.88 -10.96 15.95
N GLY A 156 36.45 -10.51 17.13
CA GLY A 156 35.49 -11.26 17.91
C GLY A 156 34.14 -11.24 17.24
N MET A 157 33.82 -10.13 16.59
CA MET A 157 32.56 -10.06 15.90
C MET A 157 32.54 -11.02 14.74
N MET A 158 33.67 -11.11 14.03
CA MET A 158 33.73 -11.99 12.86
C MET A 158 33.72 -13.45 13.26
N LYS A 159 34.41 -13.80 14.33
CA LYS A 159 34.39 -15.18 14.76
C LYS A 159 32.97 -15.64 15.17
N SER A 160 32.20 -14.77 15.81
CA SER A 160 30.85 -15.17 16.22
C SER A 160 29.94 -15.19 15.02
N LEU A 161 30.10 -14.21 14.14
CA LEU A 161 29.29 -14.13 12.94
C LEU A 161 29.58 -15.34 12.07
N ALA A 162 30.85 -15.76 12.03
CA ALA A 162 31.24 -16.95 11.28
C ALA A 162 30.49 -18.16 11.75
N ARG A 163 30.36 -18.31 13.07
CA ARG A 163 29.69 -19.46 13.66
C ARG A 163 28.17 -19.43 13.45
N GLU A 164 27.62 -18.23 13.34
CA GLU A 164 26.22 -18.08 13.08
C GLU A 164 25.93 -18.31 11.60
N GLY A 165 26.78 -17.80 10.73
CA GLY A 165 26.47 -17.84 9.32
C GLY A 165 26.76 -19.17 8.65
N ALA A 166 27.46 -20.07 9.34
CA ALA A 166 27.85 -21.33 8.73
C ALA A 166 26.66 -22.19 8.29
N ARG A 167 25.55 -22.14 9.02
CA ARG A 167 24.42 -22.96 8.63
C ARG A 167 23.81 -22.51 7.32
N TYR A 168 24.18 -21.31 6.86
CA TYR A 168 23.72 -20.84 5.56
C TYR A 168 24.84 -20.84 4.52
N GLY A 169 25.99 -21.41 4.83
CA GLY A 169 27.07 -21.42 3.87
C GLY A 169 27.66 -20.03 3.69
N VAL A 170 27.36 -19.13 4.63
CA VAL A 170 27.89 -17.77 4.64
C VAL A 170 29.14 -17.65 5.51
N ARG A 171 30.17 -17.05 4.93
CA ARG A 171 31.46 -17.01 5.60
C ARG A 171 31.79 -15.62 6.12
N ALA A 172 32.49 -15.56 7.25
CA ALA A 172 32.98 -14.31 7.80
C ALA A 172 34.43 -14.49 8.25
N ASN A 173 35.29 -13.57 7.85
CA ASN A 173 36.71 -13.64 8.22
C ASN A 173 37.22 -12.22 8.46
N ALA A 174 38.49 -12.08 8.85
CA ALA A 174 39.10 -10.77 9.06
C ALA A 174 40.49 -10.72 8.40
N VAL A 175 40.85 -9.56 7.88
CA VAL A 175 42.21 -9.35 7.43
C VAL A 175 42.88 -8.39 8.42
N ALA A 176 44.05 -8.77 8.94
CA ALA A 176 44.77 -7.89 9.87
C ALA A 176 46.08 -7.39 9.24
N PRO A 177 46.00 -6.22 8.56
CA PRO A 177 47.14 -5.55 7.95
C PRO A 177 48.12 -5.06 8.99
N GLY A 178 49.40 -5.03 8.64
CA GLY A 178 50.41 -4.38 9.43
C GLY A 178 50.38 -2.92 9.05
N PHE A 179 51.55 -2.31 8.93
CA PHE A 179 51.62 -0.91 8.53
C PHE A 179 51.62 -0.76 7.04
N ILE A 180 50.67 0.01 6.52
CA ILE A 180 50.47 0.03 5.09
C ILE A 180 50.65 1.45 4.57
N ASP A 181 51.38 1.58 3.47
CA ASP A 181 51.58 2.87 2.81
C ASP A 181 50.31 3.41 2.16
N THR A 182 49.56 4.20 2.91
CA THR A 182 48.42 4.97 2.39
C THR A 182 48.80 6.43 2.49
N GLU A 183 47.93 7.33 2.07
CA GLU A 183 48.25 8.76 2.14
C GLU A 183 48.36 9.23 3.59
N MET A 184 47.63 8.56 4.49
CA MET A 184 47.74 8.86 5.91
C MET A 184 49.11 8.49 6.51
N THR A 185 49.56 7.26 6.29
CA THR A 185 50.81 6.83 6.88
C THR A 185 52.03 7.41 6.14
N LEU A 186 51.79 7.96 4.94
CA LEU A 186 52.88 8.57 4.18
C LEU A 186 53.17 10.00 4.67
N ALA A 187 52.30 10.51 5.54
CA ALA A 187 52.47 11.85 6.12
C ALA A 187 53.02 11.80 7.55
N ILE A 188 53.18 10.59 8.07
CA ILE A 188 53.79 10.40 9.39
C ILE A 188 55.27 10.74 9.31
N ARG A 189 55.81 11.33 10.37
CA ARG A 189 57.22 11.77 10.41
C ARG A 189 58.20 10.70 9.95
N GLU A 190 59.23 11.12 9.21
CA GLU A 190 60.23 10.19 8.67
C GLU A 190 60.92 9.37 9.77
N ASP A 191 61.26 10.01 10.89
CA ASP A 191 61.95 9.32 11.99
C ASP A 191 61.08 8.27 12.70
N ILE A 192 59.76 8.46 12.63
CA ILE A 192 58.85 7.47 13.17
C ILE A 192 58.66 6.32 12.17
N ARG A 193 58.56 6.66 10.89
CA ARG A 193 58.48 5.66 9.83
C ARG A 193 59.68 4.72 9.86
N GLU A 194 60.84 5.25 10.20
CA GLU A 194 62.06 4.46 10.20
C GLU A 194 62.11 3.54 11.43
N LYS A 195 61.69 4.08 12.57
CA LYS A 195 61.69 3.32 13.80
C LYS A 195 60.78 2.08 13.66
N ILE A 196 59.67 2.28 12.96
CA ILE A 196 58.69 1.22 12.73
C ILE A 196 59.19 0.26 11.67
N THR A 197 59.73 0.80 10.58
CA THR A 197 60.18 -0.03 9.46
C THR A 197 61.29 -0.98 9.90
N LYS A 198 62.03 -0.58 10.92
CA LYS A 198 63.13 -1.39 11.44
C LYS A 198 62.63 -2.55 12.26
N GLU A 199 61.37 -2.46 12.70
CA GLU A 199 60.73 -3.52 13.46
C GLU A 199 60.22 -4.63 12.56
N ILE A 200 60.11 -4.30 11.26
CA ILE A 200 59.51 -5.19 10.28
C ILE A 200 60.62 -5.97 9.57
N PRO A 201 60.61 -7.30 9.71
CA PRO A 201 61.64 -8.14 9.10
C PRO A 201 61.75 -7.94 7.59
N PHE A 202 60.61 -7.64 6.95
CA PHE A 202 60.54 -7.41 5.51
C PHE A 202 61.09 -6.05 5.08
N ARG A 203 61.33 -5.19 6.06
CA ARG A 203 62.03 -3.93 5.81
C ARG A 203 61.28 -2.91 4.94
N ARG A 204 59.95 -2.99 4.99
CA ARG A 204 59.08 -2.05 4.31
C ARG A 204 57.65 -2.11 4.86
N PHE A 205 56.92 -1.01 4.72
CA PHE A 205 55.48 -1.00 4.97
C PHE A 205 54.88 -1.79 3.83
N GLY A 206 53.65 -2.28 4.01
CA GLY A 206 52.94 -2.96 2.95
C GLY A 206 52.25 -1.96 2.01
N LYS A 207 51.76 -2.47 0.88
CA LYS A 207 51.06 -1.64 -0.12
C LYS A 207 49.55 -1.97 -0.06
N PRO A 208 48.67 -1.01 -0.47
CA PRO A 208 47.23 -1.30 -0.43
C PRO A 208 46.82 -2.46 -1.33
N GLU A 209 47.43 -2.64 -2.49
CA GLU A 209 47.03 -3.73 -3.37
C GLU A 209 47.33 -5.08 -2.70
N GLU A 210 48.25 -5.07 -1.74
CA GLU A 210 48.55 -6.25 -0.96
C GLU A 210 47.43 -6.60 0.03
N ILE A 211 46.75 -5.61 0.59
CA ILE A 211 45.61 -5.93 1.44
C ILE A 211 44.43 -6.39 0.56
N ALA A 212 44.32 -5.79 -0.61
CA ALA A 212 43.25 -6.08 -1.56
C ALA A 212 43.28 -7.55 -1.96
N TRP A 213 44.48 -8.06 -2.15
CA TRP A 213 44.61 -9.45 -2.52
C TRP A 213 44.13 -10.38 -1.39
N ALA A 214 44.35 -9.99 -0.14
CA ALA A 214 43.96 -10.87 0.93
C ALA A 214 42.46 -10.87 1.04
N VAL A 215 41.85 -9.71 0.82
CA VAL A 215 40.40 -9.60 0.87
C VAL A 215 39.76 -10.42 -0.27
N ALA A 216 40.35 -10.31 -1.46
CA ALA A 216 39.90 -11.07 -2.62
C ALA A 216 39.93 -12.57 -2.32
N PHE A 217 41.05 -13.07 -1.81
CA PHE A 217 41.15 -14.47 -1.43
C PHE A 217 40.00 -14.90 -0.53
N LEU A 218 39.65 -14.09 0.48
CA LEU A 218 38.57 -14.48 1.38
C LEU A 218 37.19 -14.36 0.74
N LEU A 219 37.04 -13.47 -0.23
CA LEU A 219 35.75 -13.31 -0.89
C LEU A 219 35.50 -14.41 -1.92
N SER A 220 36.58 -14.88 -2.57
CA SER A 220 36.48 -15.94 -3.57
C SER A 220 35.73 -17.13 -3.01
N PRO A 221 34.63 -17.51 -3.67
CA PRO A 221 33.91 -18.69 -3.21
C PRO A 221 34.65 -19.95 -3.63
N VAL A 222 35.66 -19.77 -4.46
CA VAL A 222 36.43 -20.85 -5.05
C VAL A 222 37.70 -21.10 -4.24
N ALA A 223 38.41 -20.01 -3.92
CA ALA A 223 39.71 -20.09 -3.23
C ALA A 223 39.64 -20.27 -1.70
N SER A 224 38.51 -19.95 -1.09
CA SER A 224 38.42 -20.01 0.36
C SER A 224 37.07 -20.53 0.84
N SER A 225 36.50 -21.46 0.09
CA SER A 225 35.18 -21.99 0.41
C SER A 225 35.11 -22.63 1.80
N TYR A 226 36.23 -23.08 2.35
CA TYR A 226 36.24 -23.73 3.66
C TYR A 226 36.95 -22.85 4.70
N VAL A 227 37.23 -21.61 4.32
CA VAL A 227 37.84 -20.67 5.26
C VAL A 227 36.82 -19.74 5.88
N THR A 228 36.58 -19.94 7.17
CA THR A 228 35.67 -19.07 7.91
C THR A 228 36.05 -18.97 9.38
N GLY A 229 35.97 -17.77 9.94
CA GLY A 229 36.30 -17.55 11.34
C GLY A 229 37.77 -17.21 11.53
N GLU A 230 38.49 -17.07 10.42
CA GLU A 230 39.95 -16.93 10.40
C GLU A 230 40.40 -15.46 10.37
N VAL A 231 41.57 -15.21 10.97
CA VAL A 231 42.27 -13.95 10.77
C VAL A 231 43.52 -14.12 9.87
N LEU A 232 43.51 -13.39 8.76
CA LEU A 232 44.62 -13.41 7.81
C LEU A 232 45.53 -12.21 8.03
N ARG A 233 46.73 -12.46 8.55
CA ARG A 233 47.65 -11.36 8.86
C ARG A 233 48.46 -11.00 7.63
N VAL A 234 48.49 -9.72 7.31
CA VAL A 234 49.36 -9.27 6.24
C VAL A 234 50.30 -8.24 6.81
N ASN A 235 51.43 -8.67 7.37
CA ASN A 235 52.28 -7.71 8.10
C ASN A 235 53.78 -7.86 7.86
N GLY A 236 54.16 -8.71 6.94
CA GLY A 236 55.56 -8.86 6.60
C GLY A 236 56.36 -9.40 7.78
N ALA A 237 55.68 -10.16 8.64
CA ALA A 237 56.25 -10.77 9.83
C ALA A 237 56.54 -9.76 10.96
N HIS A 238 55.91 -8.60 10.86
CA HIS A 238 55.98 -7.58 11.90
C HIS A 238 55.42 -8.10 13.22
N HIS A 239 54.32 -8.85 13.11
CA HIS A 239 53.62 -9.50 14.23
C HIS A 239 53.37 -10.94 13.82
N THR A 240 53.96 -11.91 14.52
CA THR A 240 53.81 -13.32 14.15
C THR A 240 53.25 -14.17 15.29
N LEU B 2 5.55 -19.98 3.53
CA LEU B 2 6.13 -20.11 4.87
C LEU B 2 5.62 -19.04 5.84
N SER B 3 6.06 -17.81 5.56
CA SER B 3 5.90 -16.69 6.48
C SER B 3 5.57 -15.38 5.79
N LEU B 4 4.88 -14.49 6.50
CA LEU B 4 4.70 -13.10 6.08
C LEU B 4 5.97 -12.39 6.51
N GLY B 5 6.62 -11.66 5.61
CA GLY B 5 7.97 -11.20 5.89
C GLY B 5 8.09 -10.21 7.02
N LEU B 6 7.50 -10.50 8.18
CA LEU B 6 7.39 -9.51 9.23
C LEU B 6 8.33 -9.75 10.39
N GLU B 7 9.10 -10.82 10.34
CA GLU B 7 10.12 -11.07 11.35
C GLU B 7 11.18 -9.98 11.24
N ASP B 8 11.58 -9.45 12.39
CA ASP B 8 12.66 -8.48 12.49
C ASP B 8 12.35 -7.15 11.85
N LYS B 9 11.13 -6.97 11.38
CA LYS B 9 10.74 -5.68 10.82
C LYS B 9 10.37 -4.71 11.94
N VAL B 10 10.81 -3.47 11.82
CA VAL B 10 10.40 -2.46 12.79
C VAL B 10 9.11 -1.75 12.36
N ILE B 11 8.09 -1.90 13.21
CA ILE B 11 6.75 -1.40 12.98
C ILE B 11 6.29 -0.53 14.14
N VAL B 12 5.76 0.65 13.82
CA VAL B 12 5.22 1.56 14.83
C VAL B 12 3.71 1.56 14.77
N VAL B 13 3.06 1.35 15.90
CA VAL B 13 1.60 1.39 15.98
C VAL B 13 1.17 2.54 16.91
N THR B 14 0.51 3.58 16.38
CA THR B 14 -0.03 4.65 17.25
C THR B 14 -1.30 4.21 17.98
N GLY B 15 -1.41 4.55 19.25
CA GLY B 15 -2.56 4.15 20.04
C GLY B 15 -2.50 2.70 20.47
N GLY B 16 -1.29 2.22 20.74
CA GLY B 16 -1.10 0.80 20.99
C GLY B 16 -1.06 0.36 22.46
N ASN B 17 -1.54 1.20 23.38
CA ASN B 17 -1.54 0.77 24.77
C ASN B 17 -2.75 -0.10 25.09
N ARG B 18 -3.90 0.32 24.58
CA ARG B 18 -5.12 -0.44 24.77
C ARG B 18 -5.88 -0.68 23.48
N GLY B 19 -7.01 -1.35 23.65
CA GLY B 19 -7.97 -1.53 22.58
C GLY B 19 -7.37 -2.23 21.38
N ILE B 20 -7.74 -1.72 20.21
CA ILE B 20 -7.34 -2.29 18.94
C ILE B 20 -5.84 -2.14 18.66
N GLY B 21 -5.29 -0.98 18.97
CA GLY B 21 -3.86 -0.79 18.79
C GLY B 21 -3.06 -1.84 19.55
N ALA B 22 -3.52 -2.17 20.75
CA ALA B 22 -2.84 -3.19 21.55
C ALA B 22 -2.92 -4.55 20.85
N ALA B 23 -4.08 -4.84 20.26
CA ALA B 23 -4.29 -6.08 19.55
C ALA B 23 -3.37 -6.15 18.33
N ILE B 24 -3.18 -5.01 17.68
CA ILE B 24 -2.32 -4.94 16.54
C ILE B 24 -0.88 -5.23 16.96
N VAL B 25 -0.46 -4.60 18.07
CA VAL B 25 0.88 -4.84 18.63
C VAL B 25 1.12 -6.32 18.99
N LYS B 26 0.20 -6.92 19.74
CA LYS B 26 0.33 -8.29 20.19
C LYS B 26 0.55 -9.28 19.02
N LEU B 27 -0.25 -9.14 17.97
CA LEU B 27 -0.19 -10.03 16.83
C LEU B 27 1.08 -9.81 15.99
N LEU B 28 1.51 -8.57 15.83
CA LEU B 28 2.72 -8.33 15.07
C LEU B 28 3.91 -8.92 15.81
N GLN B 29 3.90 -8.84 17.13
CA GLN B 29 4.95 -9.42 17.96
C GLN B 29 5.05 -10.91 17.80
N GLU B 30 3.91 -11.60 17.86
CA GLU B 30 3.96 -13.04 17.71
C GLU B 30 4.19 -13.42 16.24
N MET B 31 4.46 -12.43 15.39
CA MET B 31 4.88 -12.68 14.02
C MET B 31 6.35 -12.36 13.89
N GLY B 32 6.98 -11.96 15.00
CA GLY B 32 8.42 -11.74 15.05
C GLY B 32 8.88 -10.34 14.72
N ALA B 33 7.95 -9.39 14.79
CA ALA B 33 8.29 -7.99 14.51
C ALA B 33 8.83 -7.29 15.74
N LYS B 34 9.70 -6.31 15.52
CA LYS B 34 10.14 -5.38 16.56
C LYS B 34 9.13 -4.21 16.55
N VAL B 35 8.13 -4.31 17.42
CA VAL B 35 7.04 -3.34 17.46
C VAL B 35 7.28 -2.23 18.47
N ALA B 36 6.98 -1.00 18.11
CA ALA B 36 6.99 0.11 19.06
C ALA B 36 5.61 0.75 19.00
N PHE B 37 5.18 1.39 20.07
CA PHE B 37 3.90 2.07 20.01
C PHE B 37 3.91 3.41 20.68
N THR B 38 3.08 4.30 20.16
CA THR B 38 2.86 5.60 20.78
C THR B 38 1.46 5.65 21.38
N ASP B 39 1.31 6.43 22.45
CA ASP B 39 0.03 6.62 23.12
C ASP B 39 0.26 7.68 24.22
N LEU B 40 -0.73 7.86 25.08
CA LEU B 40 -0.66 8.82 26.18
C LEU B 40 -0.11 8.20 27.46
N ALA B 41 -0.33 6.89 27.59
CA ALA B 41 0.18 6.09 28.69
C ALA B 41 0.85 4.86 28.09
N THR B 42 1.90 4.37 28.73
CA THR B 42 2.61 3.19 28.26
C THR B 42 2.78 2.23 29.41
N ASP B 43 1.74 1.49 29.76
CA ASP B 43 1.91 0.62 30.94
C ASP B 43 2.84 -0.58 30.64
N GLY B 44 2.51 -1.45 29.67
CA GLY B 44 1.34 -1.39 28.80
C GLY B 44 0.01 -1.98 29.25
N GLY B 45 -0.04 -3.24 29.70
CA GLY B 45 1.12 -4.00 30.12
C GLY B 45 1.83 -4.84 29.08
N ASN B 46 2.35 -4.22 28.02
CA ASN B 46 3.21 -4.96 27.14
C ASN B 46 4.66 -4.64 27.48
N THR B 47 5.35 -5.68 27.93
CA THR B 47 6.69 -5.58 28.47
C THR B 47 7.70 -5.39 27.36
N GLU B 48 7.61 -6.25 26.36
CA GLU B 48 8.63 -6.35 25.34
C GLU B 48 8.40 -5.40 24.16
N ALA B 49 7.53 -4.41 24.35
CA ALA B 49 7.00 -3.68 23.21
C ALA B 49 7.53 -2.29 22.91
N LEU B 50 8.40 -1.73 23.74
CA LEU B 50 8.86 -0.35 23.51
C LEU B 50 7.73 0.67 23.40
N GLY B 51 7.14 1.02 24.54
CA GLY B 51 6.15 2.07 24.59
C GLY B 51 6.84 3.43 24.65
N VAL B 52 6.34 4.34 23.84
CA VAL B 52 6.79 5.73 23.86
C VAL B 52 5.59 6.63 24.07
N VAL B 53 5.66 7.49 25.08
CA VAL B 53 4.64 8.51 25.32
C VAL B 53 4.82 9.65 24.31
N ALA B 54 3.77 9.89 23.52
CA ALA B 54 3.74 10.97 22.54
C ALA B 54 2.29 11.35 22.29
N ASN B 55 2.11 12.49 21.63
CA ASN B 55 0.77 13.01 21.28
C ASN B 55 0.69 13.21 19.77
N VAL B 56 -0.20 12.48 19.13
CA VAL B 56 -0.27 12.49 17.68
C VAL B 56 -0.58 13.86 17.08
N THR B 57 -1.17 14.75 17.89
CA THR B 57 -1.56 16.07 17.39
C THR B 57 -0.39 17.04 17.35
N ASP B 58 0.70 16.68 18.04
CA ASP B 58 1.91 17.49 18.08
C ASP B 58 2.93 16.87 17.15
N LEU B 59 3.33 17.61 16.13
CA LEU B 59 4.25 17.08 15.14
C LEU B 59 5.64 16.88 15.71
N GLU B 60 6.04 17.80 16.59
CA GLU B 60 7.33 17.69 17.24
C GLU B 60 7.32 16.49 18.11
N SER B 61 6.21 16.27 18.79
CA SER B 61 6.12 15.16 19.72
C SER B 61 6.31 13.82 18.99
N MET B 62 5.76 13.73 17.77
CA MET B 62 5.87 12.50 16.98
C MET B 62 7.24 12.38 16.32
N THR B 63 7.78 13.50 15.85
CA THR B 63 9.10 13.49 15.25
C THR B 63 10.12 13.08 16.31
N ALA B 64 9.85 13.49 17.54
CA ALA B 64 10.69 13.13 18.69
C ALA B 64 10.59 11.64 19.00
N ALA B 65 9.37 11.12 19.05
CA ALA B 65 9.13 9.69 19.27
C ALA B 65 9.67 8.84 18.10
N ALA B 66 9.62 9.39 16.88
CA ALA B 66 10.13 8.69 15.72
C ALA B 66 11.61 8.47 15.89
N ALA B 67 12.36 9.54 16.14
CA ALA B 67 13.81 9.48 16.35
C ALA B 67 14.20 8.50 17.46
N GLU B 68 13.44 8.48 18.55
CA GLU B 68 13.73 7.55 19.64
C GLU B 68 13.62 6.11 19.16
N ILE B 69 12.55 5.81 18.42
CA ILE B 69 12.31 4.44 17.98
C ILE B 69 13.36 4.02 16.96
N THR B 70 13.69 4.90 16.02
CA THR B 70 14.72 4.62 15.05
C THR B 70 16.06 4.37 15.73
N ASP B 71 16.37 5.17 16.74
CA ASP B 71 17.66 5.13 17.43
C ASP B 71 17.75 3.83 18.22
N LYS B 72 16.61 3.32 18.67
CA LYS B 72 16.63 2.12 19.50
C LYS B 72 16.42 0.82 18.72
N LEU B 73 15.59 0.85 17.68
CA LEU B 73 15.19 -0.40 17.04
C LEU B 73 15.71 -0.55 15.63
N GLY B 74 16.16 0.54 15.04
CA GLY B 74 16.67 0.49 13.68
C GLY B 74 15.68 1.12 12.75
N PRO B 75 16.03 1.23 11.46
CA PRO B 75 15.15 1.81 10.44
C PRO B 75 13.76 1.19 10.43
N VAL B 76 12.75 2.04 10.24
CA VAL B 76 11.35 1.67 10.41
C VAL B 76 10.77 1.18 9.09
N TYR B 77 10.10 0.03 9.13
CA TYR B 77 9.46 -0.56 7.92
C TYR B 77 7.96 -0.24 7.86
N GLY B 78 7.26 -0.53 8.96
CA GLY B 78 5.83 -0.36 9.02
C GLY B 78 5.34 0.71 9.98
N VAL B 79 4.29 1.42 9.59
CA VAL B 79 3.63 2.38 10.46
C VAL B 79 2.11 2.17 10.45
N VAL B 80 1.52 1.98 11.61
CA VAL B 80 0.08 1.83 11.69
C VAL B 80 -0.56 2.99 12.45
N ALA B 81 -1.27 3.84 11.72
CA ALA B 81 -1.98 4.99 12.28
C ALA B 81 -3.37 4.58 12.74
N ASN B 82 -3.48 4.31 14.04
CA ASN B 82 -4.67 3.71 14.63
C ASN B 82 -5.36 4.62 15.65
N ALA B 83 -4.58 5.55 16.22
CA ALA B 83 -5.11 6.49 17.20
C ALA B 83 -6.24 7.34 16.62
N GLY B 84 -7.36 7.31 17.32
CA GLY B 84 -8.53 8.09 16.98
C GLY B 84 -9.47 8.21 18.17
N ILE B 85 -10.26 9.28 18.18
CA ILE B 85 -11.25 9.46 19.24
C ILE B 85 -12.60 9.71 18.63
N THR B 86 -13.63 9.65 19.46
CA THR B 86 -14.96 10.06 19.02
C THR B 86 -15.42 11.22 19.90
N LYS B 87 -16.21 12.11 19.29
CA LYS B 87 -17.00 13.10 20.02
C LYS B 87 -18.39 13.06 19.41
N ASP B 88 -19.15 12.02 19.75
CA ASP B 88 -20.45 11.74 19.10
C ASP B 88 -21.56 12.72 19.50
N ASN B 89 -22.23 13.28 18.50
CA ASN B 89 -23.47 14.03 18.69
C ASN B 89 -24.11 14.32 17.34
N PHE B 90 -25.40 14.65 17.36
CA PHE B 90 -26.10 15.06 16.15
C PHE B 90 -25.50 16.33 15.57
N PHE B 91 -25.53 16.44 14.25
CA PHE B 91 -24.91 17.56 13.54
C PHE B 91 -25.18 18.95 14.12
N PRO B 92 -26.44 19.22 14.53
CA PRO B 92 -26.64 20.53 15.15
C PRO B 92 -26.12 20.69 16.60
N LYS B 93 -25.78 19.60 17.27
CA LYS B 93 -25.25 19.71 18.63
C LYS B 93 -23.72 19.69 18.69
N LEU B 94 -23.05 19.49 17.55
CA LEU B 94 -21.58 19.44 17.54
C LEU B 94 -20.95 20.81 17.60
N THR B 95 -20.15 21.02 18.64
CA THR B 95 -19.53 22.31 18.91
C THR B 95 -18.20 22.38 18.17
N PRO B 96 -17.68 23.60 17.94
CA PRO B 96 -16.35 23.77 17.34
C PRO B 96 -15.29 22.96 18.07
N ALA B 97 -15.45 22.81 19.38
CA ALA B 97 -14.51 22.05 20.17
C ALA B 97 -14.60 20.56 19.81
N ASP B 98 -15.81 20.11 19.47
CA ASP B 98 -16.06 18.72 19.10
C ASP B 98 -15.54 18.38 17.69
N TRP B 99 -15.43 19.39 16.82
CA TRP B 99 -14.88 19.23 15.47
C TRP B 99 -13.35 19.32 15.47
N ASP B 100 -12.81 20.22 16.28
CA ASP B 100 -11.37 20.40 16.40
C ASP B 100 -10.70 19.17 17.00
N ALA B 101 -11.34 18.57 18.00
CA ALA B 101 -10.81 17.40 18.69
C ALA B 101 -10.58 16.24 17.72
N VAL B 102 -11.63 15.89 16.98
CA VAL B 102 -11.54 14.77 16.05
C VAL B 102 -10.71 15.06 14.80
N LEU B 103 -10.77 16.29 14.27
CA LEU B 103 -10.00 16.65 13.08
C LEU B 103 -8.50 16.64 13.41
N ASN B 104 -8.19 16.92 14.67
CA ASN B 104 -6.80 16.91 15.11
C ASN B 104 -6.24 15.51 15.30
N VAL B 105 -6.94 14.66 16.04
CA VAL B 105 -6.47 13.32 16.35
C VAL B 105 -6.59 12.41 15.12
N ASN B 106 -7.77 12.41 14.51
CA ASN B 106 -8.08 11.47 13.45
C ASN B 106 -7.55 11.81 12.08
N LEU B 107 -7.36 13.09 11.80
CA LEU B 107 -6.88 13.47 10.48
C LEU B 107 -5.43 13.96 10.52
N LYS B 108 -5.24 15.10 11.17
CA LYS B 108 -3.95 15.74 11.31
C LYS B 108 -2.97 14.78 12.01
N GLY B 109 -3.46 14.13 13.06
CA GLY B 109 -2.64 13.25 13.89
C GLY B 109 -2.13 12.04 13.15
N VAL B 110 -2.89 11.62 12.15
CA VAL B 110 -2.50 10.53 11.26
C VAL B 110 -1.34 10.93 10.35
N ALA B 111 -1.42 12.13 9.76
CA ALA B 111 -0.32 12.61 8.93
C ALA B 111 0.91 12.81 9.79
N TYR B 112 0.72 13.29 11.02
CA TYR B 112 1.88 13.53 11.90
C TYR B 112 2.47 12.23 12.37
N SER B 113 1.70 11.15 12.26
CA SER B 113 2.22 9.84 12.65
C SER B 113 3.12 9.28 11.54
N ILE B 114 2.91 9.72 10.30
CA ILE B 114 3.61 9.14 9.17
C ILE B 114 4.77 10.01 8.72
N LYS B 115 4.57 11.32 8.78
CA LYS B 115 5.54 12.29 8.26
C LYS B 115 6.99 12.13 8.74
N PRO B 116 7.17 11.81 10.03
CA PRO B 116 8.57 11.64 10.40
C PRO B 116 9.26 10.37 9.88
N PHE B 117 8.52 9.38 9.42
CA PHE B 117 9.15 8.13 8.93
C PHE B 117 9.21 8.04 7.43
N ILE B 118 8.44 8.87 6.75
CA ILE B 118 8.18 8.68 5.34
C ILE B 118 9.42 8.85 4.45
N GLU B 119 10.19 9.89 4.70
CA GLU B 119 11.33 10.18 3.83
C GLU B 119 12.41 9.06 3.90
N GLY B 120 12.52 8.44 5.08
CA GLY B 120 13.46 7.36 5.28
C GLY B 120 13.04 6.12 4.52
N MET B 121 11.73 5.90 4.48
CA MET B 121 11.20 4.78 3.71
C MET B 121 11.52 4.90 2.22
N TYR B 122 11.43 6.11 1.68
CA TYR B 122 11.69 6.29 0.27
C TYR B 122 13.15 5.97 -0.04
N GLU B 123 14.04 6.35 0.86
CA GLU B 123 15.47 6.09 0.67
C GLU B 123 15.76 4.60 0.71
N ARG B 124 15.10 3.92 1.64
CA ARG B 124 15.29 2.49 1.81
C ARG B 124 14.47 1.68 0.80
N LYS B 125 13.68 2.36 -0.03
CA LYS B 125 12.86 1.72 -1.03
C LYS B 125 11.98 0.60 -0.44
N ALA B 126 11.52 0.79 0.78
CA ALA B 126 10.68 -0.22 1.45
C ALA B 126 9.81 0.41 2.54
N GLY B 127 8.59 -0.07 2.67
CA GLY B 127 7.73 0.49 3.68
C GLY B 127 6.29 0.22 3.39
N SER B 128 5.53 0.00 4.45
CA SER B 128 4.12 -0.23 4.32
C SER B 128 3.37 0.57 5.40
N ILE B 129 2.53 1.50 4.92
CA ILE B 129 1.72 2.35 5.78
C ILE B 129 0.26 1.91 5.80
N VAL B 130 -0.31 1.76 6.99
CA VAL B 130 -1.71 1.37 7.15
C VAL B 130 -2.46 2.31 8.09
N ALA B 131 -3.48 2.99 7.57
CA ALA B 131 -4.38 3.80 8.41
C ALA B 131 -5.67 3.06 8.76
N ILE B 132 -6.29 3.39 9.87
CA ILE B 132 -7.52 2.73 10.25
C ILE B 132 -8.79 3.54 10.00
N SER B 133 -9.81 2.85 9.47
CA SER B 133 -11.25 3.15 9.69
C SER B 133 -11.94 3.95 8.59
N SER B 134 -13.28 3.97 8.58
CA SER B 134 -14.20 3.19 9.42
C SER B 134 -15.43 2.86 8.56
N ILE B 135 -16.33 2.03 9.06
CA ILE B 135 -17.61 1.87 8.37
C ILE B 135 -18.40 3.20 8.41
N SER B 136 -18.12 4.01 9.44
CA SER B 136 -18.69 5.36 9.53
C SER B 136 -18.11 6.22 8.41
N GLY B 137 -16.90 5.92 7.96
CA GLY B 137 -16.25 6.68 6.91
C GLY B 137 -16.80 6.53 5.49
N GLU B 138 -17.19 5.31 5.13
CA GLU B 138 -17.66 5.05 3.77
C GLU B 138 -19.17 5.10 3.64
N ARG B 139 -19.87 4.66 4.68
CA ARG B 139 -21.33 4.54 4.63
C ARG B 139 -22.00 5.82 5.17
N GLY B 140 -21.39 6.40 6.20
CA GLY B 140 -22.01 7.46 6.98
C GLY B 140 -22.63 6.86 8.23
N ASN B 141 -22.69 7.63 9.30
CA ASN B 141 -23.35 7.19 10.51
C ASN B 141 -24.00 8.34 11.30
N VAL B 142 -25.21 8.08 11.77
CA VAL B 142 -25.94 9.01 12.60
C VAL B 142 -25.18 9.26 13.91
N GLY B 143 -24.95 10.52 14.24
CA GLY B 143 -24.28 10.88 15.48
C GLY B 143 -22.77 10.93 15.35
N GLN B 144 -22.26 10.57 14.16
CA GLN B 144 -20.82 10.54 13.93
C GLN B 144 -20.48 11.30 12.67
N THR B 145 -21.18 12.39 12.43
CA THR B 145 -20.99 13.21 11.24
C THR B 145 -19.56 13.79 11.15
N ASN B 146 -18.94 14.02 12.30
CA ASN B 146 -17.59 14.56 12.34
C ASN B 146 -16.52 13.46 12.29
N TYR B 147 -16.77 12.37 13.01
CA TYR B 147 -15.92 11.18 13.02
C TYR B 147 -15.86 10.60 11.63
N SER B 148 -17.02 10.54 10.99
CA SER B 148 -17.13 10.08 9.62
C SER B 148 -16.29 10.89 8.64
N ALA B 149 -16.29 12.21 8.80
CA ALA B 149 -15.52 13.07 7.93
C ALA B 149 -14.04 12.75 7.99
N THR B 150 -13.58 12.43 9.19
CA THR B 150 -12.16 12.16 9.38
C THR B 150 -11.79 10.78 8.87
N LYS B 151 -12.69 9.80 9.05
CA LYS B 151 -12.42 8.43 8.65
C LYS B 151 -12.57 8.23 7.15
N ALA B 152 -13.30 9.15 6.51
CA ALA B 152 -13.41 9.12 5.07
C ALA B 152 -12.19 9.83 4.57
N GLY B 153 -11.72 10.76 5.40
CA GLY B 153 -10.57 11.56 5.05
C GLY B 153 -9.29 10.75 4.97
N VAL B 154 -9.11 9.81 5.90
CA VAL B 154 -7.87 9.05 5.90
C VAL B 154 -7.76 8.22 4.63
N ILE B 155 -8.90 7.72 4.17
CA ILE B 155 -8.92 6.96 2.94
C ILE B 155 -8.41 7.79 1.78
N GLY B 156 -8.79 9.06 1.74
CA GLY B 156 -8.33 9.93 0.65
C GLY B 156 -6.85 10.20 0.80
N MET B 157 -6.40 10.31 2.04
CA MET B 157 -4.99 10.57 2.31
C MET B 157 -4.11 9.39 1.88
N MET B 158 -4.58 8.17 2.15
CA MET B 158 -3.80 6.96 1.81
C MET B 158 -3.69 6.73 0.31
N LYS B 159 -4.79 6.97 -0.38
CA LYS B 159 -4.83 6.83 -1.82
C LYS B 159 -3.86 7.79 -2.51
N SER B 160 -3.68 8.97 -1.91
CA SER B 160 -2.76 9.96 -2.45
C SER B 160 -1.35 9.55 -2.11
N LEU B 161 -1.20 9.07 -0.88
CA LEU B 161 0.12 8.68 -0.39
C LEU B 161 0.65 7.50 -1.18
N ALA B 162 -0.27 6.60 -1.53
CA ALA B 162 0.03 5.44 -2.36
C ALA B 162 0.62 5.84 -3.70
N ARG B 163 0.02 6.84 -4.34
CA ARG B 163 0.47 7.24 -5.67
C ARG B 163 1.83 7.95 -5.61
N GLU B 164 2.08 8.63 -4.49
CA GLU B 164 3.34 9.35 -4.30
C GLU B 164 4.45 8.34 -3.96
N GLY B 165 4.14 7.36 -3.12
CA GLY B 165 5.14 6.44 -2.61
C GLY B 165 5.45 5.29 -3.55
N ALA B 166 4.60 5.12 -4.55
CA ALA B 166 4.67 3.95 -5.43
C ALA B 166 6.00 3.80 -6.17
N ARG B 167 6.66 4.92 -6.51
CA ARG B 167 7.94 4.86 -7.23
C ARG B 167 9.10 4.38 -6.36
N TYR B 168 8.91 4.37 -5.05
CA TYR B 168 9.93 3.89 -4.12
C TYR B 168 9.55 2.54 -3.51
N GLY B 169 8.50 1.92 -4.04
CA GLY B 169 8.05 0.65 -3.51
C GLY B 169 7.40 0.75 -2.15
N VAL B 170 7.02 1.98 -1.76
CA VAL B 170 6.34 2.18 -0.49
C VAL B 170 4.83 2.13 -0.69
N ARG B 171 4.18 1.35 0.17
CA ARG B 171 2.75 1.12 0.03
C ARG B 171 1.95 1.78 1.16
N ALA B 172 0.76 2.25 0.80
CA ALA B 172 -0.18 2.85 1.74
C ALA B 172 -1.57 2.29 1.49
N ASN B 173 -2.22 1.83 2.56
CA ASN B 173 -3.55 1.25 2.44
C ASN B 173 -4.36 1.65 3.65
N ALA B 174 -5.65 1.29 3.67
CA ALA B 174 -6.48 1.59 4.84
C ALA B 174 -7.31 0.37 5.21
N VAL B 175 -7.58 0.16 6.50
CA VAL B 175 -8.56 -0.85 6.90
C VAL B 175 -9.82 -0.16 7.46
N ALA B 176 -11.01 -0.54 6.99
CA ALA B 176 -12.27 0.04 7.45
C ALA B 176 -13.06 -0.97 8.27
N PRO B 177 -12.83 -0.94 9.59
CA PRO B 177 -13.52 -1.83 10.51
C PRO B 177 -14.97 -1.51 10.53
N GLY B 178 -15.80 -2.52 10.79
CA GLY B 178 -17.18 -2.30 11.11
C GLY B 178 -17.29 -2.04 12.60
N PHE B 179 -18.30 -2.59 13.24
CA PHE B 179 -18.47 -2.37 14.65
C PHE B 179 -17.70 -3.44 15.42
N ILE B 180 -16.81 -3.00 16.32
CA ILE B 180 -15.86 -3.91 16.97
C ILE B 180 -15.99 -3.96 18.49
N ASP B 181 -16.04 -5.17 19.04
CA ASP B 181 -16.14 -5.36 20.49
C ASP B 181 -14.86 -4.89 21.18
N THR B 182 -14.87 -3.63 21.62
CA THR B 182 -13.80 -3.10 22.48
C THR B 182 -14.40 -2.77 23.84
N GLU B 183 -13.57 -2.29 24.77
CA GLU B 183 -14.10 -1.97 26.09
C GLU B 183 -15.09 -0.80 26.03
N MET B 184 -14.88 0.11 25.07
CA MET B 184 -15.80 1.22 24.86
C MET B 184 -17.15 0.75 24.28
N THR B 185 -17.09 -0.08 23.25
CA THR B 185 -18.32 -0.50 22.58
C THR B 185 -19.11 -1.56 23.33
N LEU B 186 -18.47 -2.22 24.29
CA LEU B 186 -19.15 -3.25 25.08
C LEU B 186 -19.98 -2.64 26.20
N ALA B 187 -19.80 -1.32 26.38
CA ALA B 187 -20.47 -0.57 27.41
C ALA B 187 -21.69 0.19 26.84
N ILE B 188 -21.88 0.07 25.53
CA ILE B 188 -23.02 0.67 24.87
C ILE B 188 -24.28 -0.09 25.26
N ARG B 189 -25.38 0.63 25.43
CA ARG B 189 -26.65 0.04 25.83
C ARG B 189 -27.05 -1.15 24.95
N GLU B 190 -27.64 -2.17 25.56
CA GLU B 190 -28.04 -3.37 24.82
C GLU B 190 -29.01 -3.04 23.68
N ASP B 191 -29.93 -2.12 23.93
CA ASP B 191 -30.91 -1.78 22.90
C ASP B 191 -30.25 -1.17 21.65
N ILE B 192 -29.12 -0.50 21.83
CA ILE B 192 -28.35 0.00 20.68
C ILE B 192 -27.47 -1.10 20.07
N ARG B 193 -26.85 -1.93 20.91
CA ARG B 193 -26.08 -3.06 20.38
C ARG B 193 -26.99 -3.92 19.54
N GLU B 194 -28.24 -4.03 19.95
CA GLU B 194 -29.17 -4.89 19.26
C GLU B 194 -29.59 -4.28 17.91
N LYS B 195 -29.87 -2.98 17.91
CA LYS B 195 -30.31 -2.29 16.70
C LYS B 195 -29.24 -2.41 15.62
N ILE B 196 -27.98 -2.33 16.04
CA ILE B 196 -26.88 -2.42 15.10
C ILE B 196 -26.65 -3.86 14.65
N THR B 197 -26.69 -4.81 15.58
CA THR B 197 -26.36 -6.19 15.26
C THR B 197 -27.30 -6.79 14.21
N LYS B 198 -28.53 -6.29 14.16
CA LYS B 198 -29.47 -6.82 13.17
C LYS B 198 -29.18 -6.28 11.78
N GLU B 199 -28.40 -5.20 11.70
CA GLU B 199 -27.98 -4.64 10.42
C GLU B 199 -26.82 -5.45 9.87
N ILE B 200 -26.24 -6.29 10.75
CA ILE B 200 -25.09 -7.09 10.38
C ILE B 200 -25.49 -8.50 10.03
N PRO B 201 -25.26 -8.90 8.77
CA PRO B 201 -25.58 -10.24 8.24
C PRO B 201 -24.90 -11.33 9.03
N PHE B 202 -23.67 -11.08 9.48
CA PHE B 202 -22.90 -12.06 10.24
C PHE B 202 -23.39 -12.21 11.69
N ARG B 203 -24.26 -11.30 12.11
CA ARG B 203 -24.98 -11.39 13.39
C ARG B 203 -24.13 -11.23 14.65
N ARG B 204 -23.01 -10.52 14.51
CA ARG B 204 -22.12 -10.18 15.64
C ARG B 204 -21.19 -9.03 15.29
N PHE B 205 -20.70 -8.35 16.32
CA PHE B 205 -19.65 -7.34 16.15
C PHE B 205 -18.31 -8.06 15.87
N GLY B 206 -17.35 -7.34 15.30
CA GLY B 206 -16.04 -7.91 15.05
C GLY B 206 -15.20 -7.85 16.30
N LYS B 207 -14.07 -8.55 16.29
CA LYS B 207 -13.12 -8.56 17.42
C LYS B 207 -11.90 -7.76 17.02
N PRO B 208 -11.15 -7.23 18.00
CA PRO B 208 -9.93 -6.48 17.69
C PRO B 208 -8.88 -7.32 16.97
N GLU B 209 -8.76 -8.61 17.30
CA GLU B 209 -7.75 -9.47 16.67
C GLU B 209 -8.07 -9.66 15.19
N GLU B 210 -9.34 -9.50 14.84
CA GLU B 210 -9.73 -9.58 13.44
C GLU B 210 -9.24 -8.37 12.68
N ILE B 211 -9.24 -7.23 13.35
CA ILE B 211 -8.70 -6.03 12.72
C ILE B 211 -7.18 -6.15 12.67
N ALA B 212 -6.59 -6.78 13.68
CA ALA B 212 -5.13 -6.95 13.68
C ALA B 212 -4.64 -7.76 12.46
N TRP B 213 -5.37 -8.82 12.10
CA TRP B 213 -4.99 -9.68 10.97
C TRP B 213 -5.05 -8.95 9.63
N ALA B 214 -5.98 -8.02 9.50
CA ALA B 214 -6.06 -7.25 8.27
C ALA B 214 -4.89 -6.28 8.19
N VAL B 215 -4.50 -5.72 9.34
CA VAL B 215 -3.37 -4.81 9.36
C VAL B 215 -2.10 -5.57 9.04
N ALA B 216 -2.01 -6.78 9.61
CA ALA B 216 -0.89 -7.70 9.38
C ALA B 216 -0.76 -8.01 7.90
N PHE B 217 -1.87 -8.38 7.27
CA PHE B 217 -1.89 -8.63 5.83
C PHE B 217 -1.31 -7.46 5.02
N LEU B 218 -1.80 -6.26 5.29
CA LEU B 218 -1.39 -5.10 4.50
C LEU B 218 0.06 -4.69 4.76
N LEU B 219 0.60 -5.02 5.93
CA LEU B 219 1.97 -4.70 6.26
C LEU B 219 2.96 -5.68 5.63
N SER B 220 2.53 -6.95 5.54
CA SER B 220 3.35 -8.03 4.99
C SER B 220 3.93 -7.71 3.62
N PRO B 221 5.25 -7.74 3.49
CA PRO B 221 5.85 -7.45 2.18
C PRO B 221 5.68 -8.67 1.27
N VAL B 222 5.24 -9.76 1.87
CA VAL B 222 5.06 -10.99 1.14
C VAL B 222 3.63 -11.13 0.68
N ALA B 223 2.66 -10.93 1.59
CA ALA B 223 1.28 -11.23 1.24
C ALA B 223 0.57 -10.14 0.43
N SER B 224 1.10 -8.92 0.42
CA SER B 224 0.40 -7.81 -0.23
C SER B 224 1.36 -6.86 -0.93
N SER B 225 2.43 -7.42 -1.48
CA SER B 225 3.46 -6.65 -2.16
C SER B 225 2.93 -5.83 -3.34
N TYR B 226 1.78 -6.20 -3.89
CA TYR B 226 1.17 -5.44 -5.00
C TYR B 226 -0.17 -4.75 -4.59
N VAL B 227 -0.48 -4.74 -3.30
CA VAL B 227 -1.66 -4.04 -2.78
C VAL B 227 -1.34 -2.65 -2.19
N THR B 228 -1.71 -1.58 -2.89
CA THR B 228 -1.47 -0.24 -2.42
C THR B 228 -2.62 0.66 -2.86
N GLY B 229 -3.13 1.50 -1.97
CA GLY B 229 -4.24 2.37 -2.33
C GLY B 229 -5.60 1.75 -2.05
N GLU B 230 -5.63 0.57 -1.44
CA GLU B 230 -6.88 -0.18 -1.26
C GLU B 230 -7.44 0.11 0.11
N VAL B 231 -8.76 0.03 0.21
CA VAL B 231 -9.42 0.00 1.49
C VAL B 231 -9.90 -1.43 1.75
N LEU B 232 -9.46 -2.01 2.85
CA LEU B 232 -9.88 -3.36 3.23
C LEU B 232 -10.99 -3.33 4.29
N ARG B 233 -12.20 -3.76 3.92
CA ARG B 233 -13.32 -3.69 4.84
C ARG B 233 -13.44 -4.93 5.69
N VAL B 234 -13.48 -4.71 7.01
CA VAL B 234 -13.72 -5.80 7.94
C VAL B 234 -14.99 -5.48 8.71
N ASN B 235 -16.15 -5.92 8.17
CA ASN B 235 -17.45 -5.55 8.74
C ASN B 235 -18.58 -6.58 8.76
N GLY B 236 -18.29 -7.83 8.38
CA GLY B 236 -19.28 -8.88 8.46
C GLY B 236 -20.44 -8.67 7.50
N ALA B 237 -20.11 -7.99 6.40
CA ALA B 237 -21.02 -7.68 5.29
C ALA B 237 -22.08 -6.64 5.68
N HIS B 238 -21.79 -5.93 6.75
CA HIS B 238 -22.60 -4.81 7.19
C HIS B 238 -22.63 -3.72 6.11
N HIS B 239 -21.50 -3.56 5.44
CA HIS B 239 -21.37 -2.58 4.37
C HIS B 239 -20.68 -3.19 3.13
N THR B 240 -21.44 -3.36 2.05
CA THR B 240 -20.95 -4.01 0.83
C THR B 240 -21.05 -3.18 -0.46
N LEU C 2 -32.40 27.72 -19.54
CA LEU C 2 -33.78 27.57 -19.99
C LEU C 2 -34.22 26.10 -20.02
N SER C 3 -33.61 25.30 -20.91
CA SER C 3 -34.08 23.94 -21.16
C SER C 3 -32.95 22.91 -21.34
N LEU C 4 -33.27 21.66 -21.06
CA LEU C 4 -32.37 20.54 -21.35
C LEU C 4 -32.51 20.16 -22.82
N GLY C 5 -31.40 20.07 -23.54
CA GLY C 5 -31.45 19.97 -24.99
C GLY C 5 -32.07 18.70 -25.56
N LEU C 6 -33.26 18.34 -25.08
CA LEU C 6 -33.84 17.06 -25.43
C LEU C 6 -35.00 17.15 -26.40
N GLU C 7 -35.37 18.38 -26.78
CA GLU C 7 -36.43 18.60 -27.77
C GLU C 7 -35.97 18.13 -29.15
N ASP C 8 -36.86 17.40 -29.83
CA ASP C 8 -36.65 16.90 -31.20
C ASP C 8 -35.56 15.83 -31.28
N LYS C 9 -35.05 15.42 -30.11
CA LYS C 9 -34.04 14.37 -30.03
C LYS C 9 -34.72 13.01 -30.08
N VAL C 10 -34.15 12.07 -30.83
CA VAL C 10 -34.72 10.73 -30.93
C VAL C 10 -34.19 9.82 -29.81
N ILE C 11 -35.08 9.33 -28.95
CA ILE C 11 -34.68 8.50 -27.80
C ILE C 11 -35.45 7.19 -27.74
N VAL C 12 -34.74 6.07 -27.60
CA VAL C 12 -35.36 4.75 -27.50
C VAL C 12 -35.30 4.19 -26.07
N VAL C 13 -36.43 3.74 -25.55
CA VAL C 13 -36.50 3.16 -24.21
C VAL C 13 -36.95 1.68 -24.28
N THR C 14 -36.08 0.74 -23.89
CA THR C 14 -36.45 -0.68 -23.82
C THR C 14 -37.29 -1.03 -22.56
N GLY C 15 -38.34 -1.83 -22.75
CA GLY C 15 -39.22 -2.25 -21.68
C GLY C 15 -40.15 -1.15 -21.21
N GLY C 16 -40.53 -0.28 -22.15
CA GLY C 16 -41.23 0.94 -21.83
C GLY C 16 -42.75 1.00 -21.93
N ASN C 17 -43.41 -0.16 -21.93
CA ASN C 17 -44.87 -0.15 -22.01
C ASN C 17 -45.50 0.11 -20.63
N ARG C 18 -44.96 -0.54 -19.61
CA ARG C 18 -45.44 -0.35 -18.25
C ARG C 18 -44.27 0.02 -17.36
N GLY C 19 -44.56 0.17 -16.06
CA GLY C 19 -43.54 0.33 -15.04
C GLY C 19 -42.57 1.49 -15.17
N ILE C 20 -41.30 1.21 -14.91
CA ILE C 20 -40.25 2.22 -14.95
C ILE C 20 -40.04 2.69 -16.39
N GLY C 21 -40.07 1.75 -17.33
CA GLY C 21 -39.96 2.11 -18.73
C GLY C 21 -41.01 3.12 -19.17
N ALA C 22 -42.23 2.94 -18.65
CA ALA C 22 -43.33 3.83 -18.96
C ALA C 22 -43.13 5.25 -18.44
N ALA C 23 -42.64 5.40 -17.22
CA ALA C 23 -42.42 6.72 -16.60
C ALA C 23 -41.37 7.55 -17.33
N ILE C 24 -40.33 6.88 -17.81
CA ILE C 24 -39.26 7.53 -18.57
C ILE C 24 -39.76 8.03 -19.94
N VAL C 25 -40.48 7.18 -20.66
CA VAL C 25 -41.07 7.57 -21.95
C VAL C 25 -41.99 8.78 -21.75
N LYS C 26 -42.89 8.68 -20.78
CA LYS C 26 -43.83 9.76 -20.45
C LYS C 26 -43.11 11.07 -20.11
N LEU C 27 -42.05 11.00 -19.31
CA LEU C 27 -41.31 12.18 -18.88
C LEU C 27 -40.46 12.77 -20.02
N LEU C 28 -39.90 11.91 -20.86
CA LEU C 28 -39.12 12.37 -22.02
C LEU C 28 -39.99 13.04 -23.09
N GLN C 29 -41.21 12.56 -23.26
CA GLN C 29 -42.15 13.17 -24.21
C GLN C 29 -42.47 14.63 -23.82
N GLU C 30 -42.79 14.84 -22.53
CA GLU C 30 -43.10 16.17 -21.99
C GLU C 30 -41.85 17.07 -21.80
N MET C 31 -40.73 16.65 -22.39
CA MET C 31 -39.53 17.49 -22.54
C MET C 31 -39.31 17.83 -24.01
N GLY C 32 -40.22 17.34 -24.84
CA GLY C 32 -40.20 17.65 -26.26
C GLY C 32 -39.42 16.63 -27.04
N ALA C 33 -39.18 15.46 -26.44
CA ALA C 33 -38.43 14.44 -27.16
C ALA C 33 -39.35 13.61 -28.05
N LYS C 34 -38.81 13.16 -29.16
CA LYS C 34 -39.50 12.18 -29.98
C LYS C 34 -39.11 10.81 -29.44
N VAL C 35 -39.94 10.31 -28.54
CA VAL C 35 -39.63 9.07 -27.85
C VAL C 35 -40.27 7.90 -28.59
N ALA C 36 -39.51 6.81 -28.68
CA ALA C 36 -39.99 5.53 -29.16
C ALA C 36 -39.66 4.54 -28.05
N PHE C 37 -40.38 3.43 -27.98
CA PHE C 37 -40.02 2.39 -27.01
C PHE C 37 -40.18 0.99 -27.59
N THR C 38 -39.37 0.03 -27.13
CA THR C 38 -39.56 -1.39 -27.48
C THR C 38 -40.03 -2.19 -26.25
N ASP C 39 -40.75 -3.27 -26.50
CA ASP C 39 -41.25 -4.13 -25.44
C ASP C 39 -41.83 -5.39 -26.12
N LEU C 40 -42.49 -6.24 -25.35
CA LEU C 40 -43.14 -7.42 -25.92
C LEU C 40 -44.59 -7.07 -26.25
N ALA C 41 -45.14 -6.08 -25.55
CA ALA C 41 -46.50 -5.56 -25.78
C ALA C 41 -46.48 -4.04 -25.90
N THR C 42 -47.36 -3.51 -26.75
CA THR C 42 -47.48 -2.07 -26.97
C THR C 42 -48.93 -1.57 -26.91
N ASP C 43 -49.48 -1.44 -25.70
CA ASP C 43 -50.90 -1.07 -25.56
C ASP C 43 -51.33 0.39 -25.89
N GLY C 44 -50.79 1.41 -25.21
CA GLY C 44 -49.87 1.30 -24.09
C GLY C 44 -50.48 1.25 -22.68
N GLY C 45 -51.25 2.26 -22.28
CA GLY C 45 -51.82 3.29 -23.16
C GLY C 45 -51.10 4.61 -23.44
N ASN C 46 -49.92 4.55 -24.03
CA ASN C 46 -49.28 5.75 -24.54
C ASN C 46 -49.52 5.90 -26.04
N THR C 47 -50.23 6.96 -26.41
CA THR C 47 -50.66 7.16 -27.78
C THR C 47 -49.53 7.60 -28.71
N GLU C 48 -48.83 8.64 -28.29
CA GLU C 48 -47.86 9.34 -29.14
C GLU C 48 -46.45 8.75 -29.11
N ALA C 49 -46.32 7.49 -28.73
CA ALA C 49 -45.01 6.98 -28.34
C ALA C 49 -44.24 6.10 -29.34
N LEU C 50 -44.84 5.72 -30.46
CA LEU C 50 -44.17 4.80 -31.40
C LEU C 50 -43.65 3.52 -30.72
N GLY C 51 -44.55 2.59 -30.46
CA GLY C 51 -44.17 1.30 -29.90
C GLY C 51 -43.72 0.32 -30.98
N VAL C 52 -42.61 -0.34 -30.71
CA VAL C 52 -42.12 -1.37 -31.61
C VAL C 52 -42.03 -2.64 -30.82
N VAL C 53 -42.72 -3.68 -31.24
CA VAL C 53 -42.59 -4.95 -30.55
C VAL C 53 -41.29 -5.65 -30.97
N ALA C 54 -40.44 -5.91 -29.98
CA ALA C 54 -39.15 -6.56 -30.19
C ALA C 54 -38.75 -7.35 -28.93
N ASN C 55 -37.74 -8.22 -29.08
CA ASN C 55 -37.24 -9.00 -27.96
C ASN C 55 -35.75 -8.69 -27.79
N VAL C 56 -35.38 -8.16 -26.61
CA VAL C 56 -34.00 -7.72 -26.34
C VAL C 56 -32.97 -8.82 -26.42
N THR C 57 -33.43 -10.06 -26.29
CA THR C 57 -32.55 -11.23 -26.30
C THR C 57 -32.12 -11.65 -27.72
N ASP C 58 -32.84 -11.15 -28.72
CA ASP C 58 -32.57 -11.41 -30.13
C ASP C 58 -31.94 -10.19 -30.81
N LEU C 59 -30.77 -10.37 -31.39
CA LEU C 59 -30.06 -9.25 -32.01
C LEU C 59 -30.78 -8.80 -33.28
N GLU C 60 -31.34 -9.76 -34.02
CA GLU C 60 -32.08 -9.44 -35.24
C GLU C 60 -33.34 -8.63 -34.91
N SER C 61 -34.06 -9.06 -33.87
CA SER C 61 -35.32 -8.41 -33.48
C SER C 61 -35.06 -6.96 -33.09
N MET C 62 -33.94 -6.72 -32.43
CA MET C 62 -33.54 -5.37 -32.04
C MET C 62 -32.93 -4.61 -33.21
N THR C 63 -32.16 -5.32 -34.06
CA THR C 63 -31.60 -4.72 -35.28
C THR C 63 -32.72 -4.39 -36.26
N ALA C 64 -33.78 -5.18 -36.23
CA ALA C 64 -34.95 -4.90 -37.04
C ALA C 64 -35.66 -3.65 -36.53
N ALA C 65 -35.89 -3.61 -35.22
CA ALA C 65 -36.55 -2.48 -34.56
C ALA C 65 -35.75 -1.20 -34.73
N ALA C 66 -34.43 -1.36 -34.83
CA ALA C 66 -33.51 -0.25 -35.05
C ALA C 66 -33.72 0.44 -36.38
N ALA C 67 -33.74 -0.36 -37.44
CA ALA C 67 -34.00 0.17 -38.79
C ALA C 67 -35.33 0.94 -38.85
N GLU C 68 -36.37 0.39 -38.20
CA GLU C 68 -37.70 1.01 -38.16
C GLU C 68 -37.75 2.38 -37.49
N ILE C 69 -37.07 2.52 -36.36
CA ILE C 69 -37.10 3.77 -35.61
C ILE C 69 -36.36 4.91 -36.35
N THR C 70 -35.22 4.60 -36.96
CA THR C 70 -34.47 5.56 -37.78
C THR C 70 -35.33 6.00 -38.97
N ASP C 71 -36.08 5.06 -39.53
CA ASP C 71 -36.93 5.31 -40.70
C ASP C 71 -38.14 6.20 -40.37
N LYS C 72 -38.68 6.09 -39.16
CA LYS C 72 -39.90 6.82 -38.81
C LYS C 72 -39.65 8.13 -38.07
N LEU C 73 -38.61 8.20 -37.25
CA LEU C 73 -38.34 9.40 -36.43
C LEU C 73 -36.99 10.10 -36.69
N GLY C 74 -36.05 9.41 -37.33
CA GLY C 74 -34.74 10.00 -37.60
C GLY C 74 -33.60 9.49 -36.74
N PRO C 75 -32.37 9.96 -37.00
CA PRO C 75 -31.15 9.55 -36.27
C PRO C 75 -31.26 9.66 -34.73
N VAL C 76 -30.76 8.62 -34.06
CA VAL C 76 -31.02 8.43 -32.63
C VAL C 76 -29.96 9.08 -31.75
N TYR C 77 -30.43 9.81 -30.74
CA TYR C 77 -29.52 10.41 -29.78
C TYR C 77 -29.41 9.59 -28.47
N GLY C 78 -30.55 9.27 -27.87
CA GLY C 78 -30.53 8.59 -26.60
C GLY C 78 -31.03 7.17 -26.65
N VAL C 79 -30.37 6.29 -25.89
CA VAL C 79 -30.81 4.91 -25.73
C VAL C 79 -30.85 4.61 -24.25
N VAL C 80 -32.01 4.21 -23.76
CA VAL C 80 -32.19 3.85 -22.37
C VAL C 80 -32.49 2.35 -22.25
N ALA C 81 -31.54 1.59 -21.72
CA ALA C 81 -31.71 0.15 -21.50
C ALA C 81 -32.36 -0.14 -20.14
N ASN C 82 -33.67 -0.33 -20.12
CA ASN C 82 -34.44 -0.46 -18.88
C ASN C 82 -35.12 -1.83 -18.76
N ALA C 83 -35.31 -2.49 -19.90
CA ALA C 83 -35.93 -3.81 -19.90
C ALA C 83 -35.11 -4.78 -19.07
N GLY C 84 -35.75 -5.36 -18.05
CA GLY C 84 -35.11 -6.34 -17.21
C GLY C 84 -36.11 -7.15 -16.42
N ILE C 85 -35.73 -8.38 -16.09
CA ILE C 85 -36.59 -9.30 -15.33
C ILE C 85 -35.89 -9.84 -14.08
N THR C 86 -36.67 -10.46 -13.20
CA THR C 86 -36.13 -11.16 -12.03
C THR C 86 -36.51 -12.63 -12.06
N LYS C 87 -35.63 -13.49 -11.54
CA LYS C 87 -35.98 -14.88 -11.24
C LYS C 87 -35.49 -15.15 -9.82
N ASP C 88 -36.20 -14.62 -8.84
CA ASP C 88 -35.72 -14.62 -7.47
C ASP C 88 -35.76 -15.96 -6.76
N ASN C 89 -34.61 -16.33 -6.20
CA ASN C 89 -34.48 -17.48 -5.32
C ASN C 89 -33.12 -17.47 -4.62
N PHE C 90 -33.02 -18.20 -3.52
CA PHE C 90 -31.74 -18.40 -2.86
C PHE C 90 -30.75 -19.16 -3.77
N PHE C 91 -29.47 -18.81 -3.64
CA PHE C 91 -28.42 -19.32 -4.53
C PHE C 91 -28.47 -20.85 -4.83
N PRO C 92 -28.65 -21.70 -3.79
CA PRO C 92 -28.71 -23.13 -4.11
C PRO C 92 -30.02 -23.63 -4.75
N LYS C 93 -31.07 -22.82 -4.82
CA LYS C 93 -32.32 -23.22 -5.49
C LYS C 93 -32.42 -22.68 -6.94
N LEU C 94 -31.45 -21.89 -7.35
CA LEU C 94 -31.45 -21.30 -8.69
C LEU C 94 -31.02 -22.32 -9.73
N THR C 95 -31.86 -22.54 -10.74
CA THR C 95 -31.56 -23.49 -11.81
C THR C 95 -30.82 -22.77 -12.93
N PRO C 96 -30.12 -23.52 -13.81
CA PRO C 96 -29.52 -22.93 -15.01
C PRO C 96 -30.50 -22.08 -15.82
N ALA C 97 -31.77 -22.44 -15.79
CA ALA C 97 -32.81 -21.68 -16.47
C ALA C 97 -33.01 -20.30 -15.85
N ASP C 98 -32.81 -20.24 -14.53
CA ASP C 98 -32.96 -19.01 -13.77
C ASP C 98 -31.80 -18.06 -14.06
N TRP C 99 -30.64 -18.64 -14.41
CA TRP C 99 -29.44 -17.88 -14.74
C TRP C 99 -29.40 -17.47 -16.21
N ASP C 100 -29.81 -18.39 -17.07
CA ASP C 100 -29.85 -18.12 -18.50
C ASP C 100 -30.87 -17.05 -18.78
N ALA C 101 -31.99 -17.11 -18.06
CA ALA C 101 -33.08 -16.16 -18.27
C ALA C 101 -32.65 -14.71 -18.05
N VAL C 102 -32.16 -14.41 -16.85
CA VAL C 102 -31.79 -13.03 -16.52
C VAL C 102 -30.51 -12.57 -17.23
N LEU C 103 -29.55 -13.48 -17.45
CA LEU C 103 -28.32 -13.13 -18.13
C LEU C 103 -28.56 -12.73 -19.59
N ASN C 104 -29.60 -13.31 -20.20
CA ASN C 104 -29.96 -13.02 -21.59
C ASN C 104 -30.63 -11.64 -21.73
N VAL C 105 -31.61 -11.39 -20.86
CA VAL C 105 -32.40 -10.16 -20.86
C VAL C 105 -31.66 -8.95 -20.26
N ASN C 106 -31.19 -9.12 -19.03
CA ASN C 106 -30.69 -8.02 -18.20
C ASN C 106 -29.26 -7.65 -18.56
N LEU C 107 -28.49 -8.62 -19.04
CA LEU C 107 -27.12 -8.34 -19.43
C LEU C 107 -26.89 -8.34 -20.94
N LYS C 108 -27.01 -9.52 -21.56
CA LYS C 108 -26.81 -9.67 -23.00
C LYS C 108 -27.73 -8.74 -23.77
N GLY C 109 -28.98 -8.65 -23.33
CA GLY C 109 -29.98 -7.84 -24.00
C GLY C 109 -29.69 -6.35 -24.03
N VAL C 110 -28.98 -5.88 -23.02
CA VAL C 110 -28.57 -4.49 -22.96
C VAL C 110 -27.56 -4.25 -24.08
N ALA C 111 -26.63 -5.18 -24.28
CA ALA C 111 -25.68 -5.06 -25.39
C ALA C 111 -26.41 -5.10 -26.74
N TYR C 112 -27.42 -5.97 -26.84
CA TYR C 112 -28.21 -6.07 -28.06
C TYR C 112 -29.12 -4.84 -28.26
N SER C 113 -29.40 -4.10 -27.20
CA SER C 113 -30.23 -2.89 -27.31
C SER C 113 -29.44 -1.69 -27.84
N ILE C 114 -28.14 -1.71 -27.66
CA ILE C 114 -27.31 -0.57 -28.01
C ILE C 114 -26.58 -0.82 -29.32
N LYS C 115 -26.21 -2.07 -29.57
CA LYS C 115 -25.40 -2.46 -30.74
C LYS C 115 -25.91 -2.00 -32.12
N PRO C 116 -27.24 -2.04 -32.37
CA PRO C 116 -27.65 -1.51 -33.68
C PRO C 116 -27.65 0.04 -33.81
N PHE C 117 -27.55 0.77 -32.70
CA PHE C 117 -27.56 2.24 -32.72
C PHE C 117 -26.19 2.86 -32.54
N ILE C 118 -25.22 2.08 -32.07
CA ILE C 118 -23.95 2.64 -31.61
C ILE C 118 -23.08 3.21 -32.75
N GLU C 119 -22.97 2.50 -33.87
CA GLU C 119 -22.08 2.92 -34.95
C GLU C 119 -22.50 4.27 -35.58
N GLY C 120 -23.80 4.53 -35.60
CA GLY C 120 -24.32 5.79 -36.12
C GLY C 120 -24.08 6.98 -35.22
N MET C 121 -24.21 6.76 -33.91
CA MET C 121 -23.94 7.82 -32.93
C MET C 121 -22.50 8.31 -33.08
N TYR C 122 -21.59 7.39 -33.41
CA TYR C 122 -20.18 7.72 -33.62
C TYR C 122 -19.97 8.63 -34.84
N GLU C 123 -20.70 8.36 -35.92
CA GLU C 123 -20.64 9.17 -37.14
C GLU C 123 -21.18 10.56 -36.85
N ARG C 124 -22.26 10.61 -36.10
CA ARG C 124 -22.90 11.87 -35.79
C ARG C 124 -22.19 12.64 -34.69
N LYS C 125 -21.17 12.01 -34.11
CA LYS C 125 -20.37 12.56 -32.99
C LYS C 125 -21.24 13.06 -31.82
N ALA C 126 -22.34 12.37 -31.54
CA ALA C 126 -23.26 12.72 -30.45
C ALA C 126 -24.05 11.49 -29.96
N GLY C 127 -24.37 11.48 -28.67
CA GLY C 127 -25.10 10.36 -28.12
C GLY C 127 -25.00 10.26 -26.60
N SER C 128 -26.08 9.79 -25.97
CA SER C 128 -26.12 9.51 -24.53
C SER C 128 -26.85 8.20 -24.24
N ILE C 129 -26.11 7.20 -23.74
CA ILE C 129 -26.68 5.90 -23.42
C ILE C 129 -26.83 5.71 -21.91
N VAL C 130 -28.01 5.23 -21.49
CA VAL C 130 -28.30 5.03 -20.07
C VAL C 130 -28.81 3.63 -19.74
N ALA C 131 -28.05 2.89 -18.92
CA ALA C 131 -28.49 1.60 -18.41
C ALA C 131 -29.13 1.74 -17.02
N ILE C 132 -30.01 0.80 -16.67
CA ILE C 132 -30.72 0.85 -15.40
C ILE C 132 -30.20 -0.16 -14.37
N SER C 133 -30.16 0.30 -13.11
CA SER C 133 -30.27 -0.56 -11.91
C SER C 133 -28.94 -1.06 -11.36
N SER C 134 -28.90 -1.54 -10.12
CA SER C 134 -29.97 -1.54 -9.12
C SER C 134 -29.31 -1.35 -7.77
N ILE C 135 -30.09 -1.16 -6.72
CA ILE C 135 -29.50 -1.19 -5.38
C ILE C 135 -28.93 -2.58 -5.12
N SER C 136 -29.55 -3.60 -5.69
CA SER C 136 -29.06 -4.97 -5.56
C SER C 136 -27.75 -5.19 -6.30
N GLY C 137 -27.50 -4.42 -7.34
CA GLY C 137 -26.28 -4.57 -8.14
C GLY C 137 -24.99 -4.13 -7.43
N GLU C 138 -25.08 -3.06 -6.64
CA GLU C 138 -23.91 -2.53 -5.98
C GLU C 138 -23.77 -3.06 -4.57
N ARG C 139 -24.90 -3.28 -3.90
CA ARG C 139 -24.93 -3.70 -2.52
C ARG C 139 -25.00 -5.22 -2.40
N GLY C 140 -25.76 -5.86 -3.29
CA GLY C 140 -26.12 -7.26 -3.14
C GLY C 140 -27.49 -7.38 -2.47
N ASN C 141 -28.22 -8.45 -2.76
CA ASN C 141 -29.49 -8.67 -2.06
C ASN C 141 -29.78 -10.15 -1.85
N VAL C 142 -30.29 -10.47 -0.66
CA VAL C 142 -30.67 -11.85 -0.34
C VAL C 142 -31.79 -12.33 -1.27
N GLY C 143 -31.53 -13.45 -1.96
CA GLY C 143 -32.47 -14.04 -2.90
C GLY C 143 -32.32 -13.54 -4.33
N GLN C 144 -31.40 -12.61 -4.56
CA GLN C 144 -31.26 -12.01 -5.88
C GLN C 144 -29.86 -12.12 -6.42
N THR C 145 -29.21 -13.23 -6.13
CA THR C 145 -27.81 -13.44 -6.49
C THR C 145 -27.57 -13.34 -8.01
N ASN C 146 -28.56 -13.75 -8.78
CA ASN C 146 -28.49 -13.74 -10.24
C ASN C 146 -28.90 -12.40 -10.86
N TYR C 147 -29.92 -11.76 -10.28
CA TYR C 147 -30.34 -10.42 -10.72
C TYR C 147 -29.22 -9.41 -10.45
N SER C 148 -28.69 -9.50 -9.23
CA SER C 148 -27.59 -8.68 -8.77
C SER C 148 -26.33 -8.88 -9.63
N ALA C 149 -26.03 -10.11 -10.01
CA ALA C 149 -24.91 -10.34 -10.91
C ALA C 149 -25.10 -9.54 -12.20
N THR C 150 -26.34 -9.43 -12.68
CA THR C 150 -26.60 -8.71 -13.94
C THR C 150 -26.64 -7.18 -13.77
N LYS C 151 -27.14 -6.73 -12.63
CA LYS C 151 -27.28 -5.30 -12.38
C LYS C 151 -25.94 -4.66 -12.00
N ALA C 152 -24.99 -5.52 -11.62
CA ALA C 152 -23.64 -5.09 -11.40
C ALA C 152 -22.90 -5.10 -12.74
N GLY C 153 -23.31 -6.02 -13.62
CA GLY C 153 -22.72 -6.22 -14.93
C GLY C 153 -22.94 -5.05 -15.87
N VAL C 154 -24.13 -4.43 -15.80
CA VAL C 154 -24.46 -3.31 -16.66
C VAL C 154 -23.56 -2.12 -16.37
N ILE C 155 -23.27 -1.94 -15.08
CA ILE C 155 -22.39 -0.88 -14.60
C ILE C 155 -20.99 -1.04 -15.18
N GLY C 156 -20.53 -2.28 -15.23
CA GLY C 156 -19.21 -2.57 -15.77
C GLY C 156 -19.19 -2.37 -17.27
N MET C 157 -20.30 -2.69 -17.91
CA MET C 157 -20.44 -2.54 -19.35
C MET C 157 -20.43 -1.06 -19.75
N MET C 158 -21.10 -0.24 -18.95
CA MET C 158 -21.24 1.19 -19.24
C MET C 158 -19.92 1.94 -19.14
N LYS C 159 -19.16 1.59 -18.09
CA LYS C 159 -17.87 2.20 -17.83
C LYS C 159 -16.88 1.96 -18.97
N SER C 160 -16.94 0.76 -19.55
CA SER C 160 -16.08 0.40 -20.68
C SER C 160 -16.60 1.08 -21.93
N LEU C 161 -17.93 1.16 -22.04
CA LEU C 161 -18.59 1.77 -23.18
C LEU C 161 -18.29 3.26 -23.18
N ALA C 162 -18.30 3.85 -21.99
CA ALA C 162 -17.94 5.24 -21.81
C ALA C 162 -16.52 5.53 -22.30
N ARG C 163 -15.60 4.62 -22.02
CA ARG C 163 -14.18 4.76 -22.40
C ARG C 163 -13.90 4.55 -23.89
N GLU C 164 -14.71 3.72 -24.54
CA GLU C 164 -14.58 3.44 -25.97
C GLU C 164 -15.22 4.58 -26.76
N GLY C 165 -16.37 5.06 -26.25
CA GLY C 165 -17.18 6.06 -26.92
C GLY C 165 -16.82 7.51 -26.67
N ALA C 166 -15.97 7.76 -25.69
CA ALA C 166 -15.63 9.12 -25.31
C ALA C 166 -14.99 9.91 -26.44
N ARG C 167 -14.23 9.22 -27.29
CA ARG C 167 -13.52 9.86 -28.39
C ARG C 167 -14.46 10.38 -29.48
N TYR C 168 -15.71 9.94 -29.43
CA TYR C 168 -16.73 10.40 -30.39
C TYR C 168 -17.77 11.29 -29.72
N GLY C 169 -17.54 11.69 -28.48
CA GLY C 169 -18.48 12.53 -27.74
C GLY C 169 -19.75 11.81 -27.33
N VAL C 170 -19.72 10.48 -27.40
CA VAL C 170 -20.86 9.67 -26.98
C VAL C 170 -20.66 9.26 -25.52
N ARG C 171 -21.72 9.44 -24.73
CA ARG C 171 -21.61 9.21 -23.30
C ARG C 171 -22.43 8.00 -22.85
N ALA C 172 -21.88 7.25 -21.88
CA ALA C 172 -22.56 6.09 -21.32
C ALA C 172 -22.55 6.18 -19.80
N ASN C 173 -23.72 6.01 -19.18
CA ASN C 173 -23.88 6.11 -17.73
C ASN C 173 -24.90 5.09 -17.21
N ALA C 174 -25.06 5.05 -15.88
CA ALA C 174 -26.02 4.13 -15.29
C ALA C 174 -26.82 4.83 -14.19
N VAL C 175 -28.09 4.47 -14.06
CA VAL C 175 -28.91 4.89 -12.93
C VAL C 175 -29.16 3.67 -12.07
N ALA C 176 -28.95 3.80 -10.77
CA ALA C 176 -29.17 2.70 -9.82
C ALA C 176 -30.36 2.96 -8.90
N PRO C 177 -31.57 2.53 -9.33
CA PRO C 177 -32.75 2.69 -8.46
C PRO C 177 -32.65 1.84 -7.21
N GLY C 178 -33.22 2.34 -6.12
CA GLY C 178 -33.42 1.56 -4.90
C GLY C 178 -34.70 0.78 -5.05
N PHE C 179 -35.49 0.70 -3.99
CA PHE C 179 -36.78 0.02 -4.07
C PHE C 179 -37.85 1.01 -4.49
N ILE C 180 -38.53 0.71 -5.60
CA ILE C 180 -39.45 1.67 -6.24
C ILE C 180 -40.90 1.14 -6.28
N ASP C 181 -41.86 2.01 -5.94
CA ASP C 181 -43.29 1.67 -6.01
C ASP C 181 -43.76 1.47 -7.46
N THR C 182 -43.72 0.21 -7.89
CA THR C 182 -44.32 -0.22 -9.15
C THR C 182 -45.46 -1.19 -8.79
N GLU C 183 -46.17 -1.69 -9.79
CA GLU C 183 -47.26 -2.63 -9.54
C GLU C 183 -46.77 -3.99 -9.04
N MET C 184 -45.56 -4.36 -9.43
CA MET C 184 -44.93 -5.58 -8.96
C MET C 184 -44.55 -5.50 -7.47
N THR C 185 -43.87 -4.41 -7.08
CA THR C 185 -43.40 -4.27 -5.71
C THR C 185 -44.53 -3.89 -4.74
N LEU C 186 -45.65 -3.41 -5.28
CA LEU C 186 -46.82 -3.05 -4.48
C LEU C 186 -47.67 -4.29 -4.18
N ALA C 187 -47.33 -5.39 -4.84
CA ALA C 187 -48.02 -6.66 -4.68
C ALA C 187 -47.26 -7.54 -3.70
N ILE C 188 -46.12 -7.03 -3.23
CA ILE C 188 -45.32 -7.70 -2.22
C ILE C 188 -46.08 -7.67 -0.90
N ARG C 189 -45.97 -8.76 -0.15
CA ARG C 189 -46.63 -8.94 1.15
C ARG C 189 -46.43 -7.71 2.04
N GLU C 190 -47.44 -7.35 2.82
CA GLU C 190 -47.31 -6.18 3.69
C GLU C 190 -46.14 -6.28 4.69
N ASP C 191 -45.93 -7.45 5.29
CA ASP C 191 -44.85 -7.62 6.26
C ASP C 191 -43.43 -7.51 5.66
N ILE C 192 -43.26 -7.86 4.39
CA ILE C 192 -41.97 -7.75 3.70
C ILE C 192 -41.72 -6.31 3.26
N ARG C 193 -42.77 -5.65 2.78
CA ARG C 193 -42.72 -4.23 2.43
C ARG C 193 -42.32 -3.39 3.64
N GLU C 194 -42.71 -3.84 4.83
CA GLU C 194 -42.37 -3.11 6.06
C GLU C 194 -40.91 -3.32 6.50
N LYS C 195 -40.41 -4.54 6.36
CA LYS C 195 -39.03 -4.85 6.76
C LYS C 195 -38.01 -4.02 5.98
N ILE C 196 -38.31 -3.78 4.70
CA ILE C 196 -37.45 -3.02 3.80
C ILE C 196 -37.52 -1.50 4.07
N THR C 197 -38.73 -1.01 4.30
CA THR C 197 -38.98 0.42 4.52
C THR C 197 -38.31 0.98 5.79
N LYS C 198 -38.04 0.12 6.77
CA LYS C 198 -37.30 0.55 7.96
C LYS C 198 -35.78 0.65 7.71
N GLU C 199 -35.31 0.02 6.64
CA GLU C 199 -33.89 0.09 6.24
C GLU C 199 -33.59 1.40 5.51
N ILE C 200 -34.63 2.08 5.05
CA ILE C 200 -34.49 3.30 4.28
C ILE C 200 -34.67 4.47 5.23
N PRO C 201 -33.62 5.32 5.37
CA PRO C 201 -33.63 6.51 6.24
C PRO C 201 -34.76 7.49 5.88
N PHE C 202 -35.07 7.58 4.59
CA PHE C 202 -36.10 8.46 4.05
C PHE C 202 -37.53 7.97 4.36
N ARG C 203 -37.60 6.71 4.82
CA ARG C 203 -38.81 6.05 5.37
C ARG C 203 -39.93 5.78 4.35
N ARG C 204 -39.53 5.64 3.08
CA ARG C 204 -40.46 5.32 2.00
C ARG C 204 -39.72 4.77 0.77
N PHE C 205 -40.44 4.00 -0.04
CA PHE C 205 -39.95 3.54 -1.34
C PHE C 205 -39.95 4.72 -2.30
N GLY C 206 -39.20 4.62 -3.39
CA GLY C 206 -39.21 5.65 -4.42
C GLY C 206 -40.35 5.50 -5.42
N LYS C 207 -40.55 6.54 -6.24
CA LYS C 207 -41.60 6.52 -7.26
C LYS C 207 -40.94 6.43 -8.63
N PRO C 208 -41.66 5.89 -9.63
CA PRO C 208 -41.05 5.78 -10.95
C PRO C 208 -40.64 7.12 -11.56
N GLU C 209 -41.42 8.15 -11.32
CA GLU C 209 -41.11 9.45 -11.91
C GLU C 209 -39.77 9.99 -11.41
N GLU C 210 -39.38 9.52 -10.22
CA GLU C 210 -38.11 9.89 -9.59
C GLU C 210 -36.90 9.27 -10.29
N ILE C 211 -37.05 8.05 -10.81
CA ILE C 211 -35.98 7.38 -11.57
C ILE C 211 -35.85 8.01 -12.96
N ALA C 212 -36.99 8.40 -13.53
CA ALA C 212 -37.06 9.00 -14.84
C ALA C 212 -36.25 10.29 -14.90
N TRP C 213 -36.34 11.07 -13.84
CA TRP C 213 -35.67 12.35 -13.72
C TRP C 213 -34.15 12.23 -13.78
N ALA C 214 -33.63 11.18 -13.19
CA ALA C 214 -32.20 10.93 -13.19
C ALA C 214 -31.76 10.48 -14.60
N VAL C 215 -32.63 9.70 -15.25
CA VAL C 215 -32.36 9.25 -16.62
C VAL C 215 -32.37 10.45 -17.56
N ALA C 216 -33.32 11.34 -17.34
CA ALA C 216 -33.45 12.57 -18.10
C ALA C 216 -32.16 13.38 -18.03
N PHE C 217 -31.69 13.58 -16.80
CA PHE C 217 -30.43 14.27 -16.51
C PHE C 217 -29.27 13.69 -17.31
N LEU C 218 -29.15 12.37 -17.31
CA LEU C 218 -28.02 11.75 -18.00
C LEU C 218 -28.20 11.87 -19.51
N LEU C 219 -29.44 11.96 -19.96
CA LEU C 219 -29.74 12.09 -21.40
C LEU C 219 -29.55 13.51 -21.91
N SER C 220 -29.85 14.51 -21.09
CA SER C 220 -29.67 15.91 -21.46
C SER C 220 -28.25 16.21 -21.91
N PRO C 221 -28.08 16.76 -23.13
CA PRO C 221 -26.76 17.16 -23.61
C PRO C 221 -26.33 18.47 -22.97
N VAL C 222 -27.23 19.08 -22.19
CA VAL C 222 -26.98 20.33 -21.51
C VAL C 222 -26.53 20.10 -20.05
N ALA C 223 -27.27 19.25 -19.33
CA ALA C 223 -27.03 19.02 -17.91
C ALA C 223 -25.90 18.03 -17.56
N SER C 224 -25.49 17.22 -18.54
CA SER C 224 -24.52 16.17 -18.28
C SER C 224 -23.53 16.02 -19.42
N SER C 225 -23.19 17.13 -20.06
CA SER C 225 -22.29 17.10 -21.21
C SER C 225 -20.92 16.49 -20.87
N TYR C 226 -20.58 16.51 -19.59
CA TYR C 226 -19.31 15.98 -19.07
C TYR C 226 -19.49 14.78 -18.14
N VAL C 227 -20.72 14.25 -18.06
CA VAL C 227 -20.99 13.08 -17.22
C VAL C 227 -20.98 11.78 -18.04
N THR C 228 -19.92 11.00 -17.85
CA THR C 228 -19.80 9.71 -18.49
C THR C 228 -19.00 8.79 -17.55
N GLY C 229 -19.50 7.56 -17.41
CA GLY C 229 -18.90 6.57 -16.53
C GLY C 229 -19.47 6.55 -15.11
N GLU C 230 -20.48 7.38 -14.83
CA GLU C 230 -21.00 7.51 -13.46
C GLU C 230 -22.26 6.66 -13.21
N VAL C 231 -22.43 6.21 -11.98
CA VAL C 231 -23.68 5.62 -11.54
C VAL C 231 -24.41 6.63 -10.67
N LEU C 232 -25.62 6.97 -11.08
CA LEU C 232 -26.42 7.91 -10.34
C LEU C 232 -27.39 7.14 -9.45
N ARG C 233 -27.19 7.20 -8.14
CA ARG C 233 -28.01 6.46 -7.18
C ARG C 233 -29.25 7.19 -6.68
N VAL C 234 -30.40 6.56 -6.87
CA VAL C 234 -31.64 7.11 -6.37
C VAL C 234 -32.24 6.12 -5.37
N ASN C 235 -31.86 6.23 -4.10
CA ASN C 235 -32.26 5.23 -3.09
C ASN C 235 -32.64 5.75 -1.70
N GLY C 236 -32.67 7.07 -1.51
CA GLY C 236 -33.12 7.62 -0.24
C GLY C 236 -32.21 7.28 0.93
N ALA C 237 -30.92 7.14 0.63
CA ALA C 237 -29.88 6.84 1.60
C ALA C 237 -29.96 5.41 2.10
N HIS C 238 -30.67 4.56 1.36
CA HIS C 238 -30.72 3.12 1.65
C HIS C 238 -29.34 2.48 1.48
N HIS C 239 -28.61 2.95 0.45
CA HIS C 239 -27.29 2.45 0.16
C HIS C 239 -26.31 3.60 -0.11
N THR C 240 -25.33 3.79 0.77
CA THR C 240 -24.35 4.88 0.64
C THR C 240 -22.88 4.44 0.60
#